data_4KW6
#
_entry.id   4KW6
#
_cell.length_a   141.554
_cell.length_b   141.657
_cell.length_c   68.855
_cell.angle_alpha   90.00
_cell.angle_beta   98.50
_cell.angle_gamma   90.00
#
_symmetry.space_group_name_H-M   'C 1 2 1'
#
loop_
_entity.id
_entity.type
_entity.pdbx_description
1 polymer Peroxiredoxin-1
2 non-polymer '2,3-bis(bromomethyl)quinoxaline 1,4-dioxide'
3 water water
#
_entity_poly.entity_id   1
_entity_poly.type   'polypeptide(L)'
_entity_poly.pdbx_seq_one_letter_code
;MHHHHHHHMSKAFIGKPAPDFATKAVFDGDFVDVKLSDYKGKYVVLFFYPLDFTFVCPTEIIAFSDRFPEFKNLNVAVLA
CSTDSVFSHLAWINTPRKHGGLGDMKIPVLADTNHQIAKDYGVLKDDEGIAYRGLFIIDPKGILRQITINDLPVGRSVDE
TLRLVQAFQYTDKHGEVCP
;
_entity_poly.pdbx_strand_id   A,B,C,D,E
#
# COMPACT_ATOMS: atom_id res chain seq x y z
N HIS A 8 24.38 15.82 -11.40
CA HIS A 8 25.14 14.54 -11.48
C HIS A 8 25.06 13.76 -10.17
N MET A 9 24.62 12.50 -10.27
CA MET A 9 24.63 11.56 -9.15
C MET A 9 25.27 10.21 -9.51
N SER A 10 25.39 9.34 -8.52
CA SER A 10 26.07 8.05 -8.67
C SER A 10 25.31 7.07 -9.58
N LYS A 11 26.05 6.30 -10.36
CA LYS A 11 25.48 5.25 -11.20
C LYS A 11 25.88 3.86 -10.74
N ALA A 12 26.59 3.80 -9.62
CA ALA A 12 27.13 2.55 -9.11
C ALA A 12 26.14 1.85 -8.18
N PHE A 13 25.64 0.69 -8.62
CA PHE A 13 24.76 -0.15 -7.81
C PHE A 13 25.20 -1.60 -7.78
N ILE A 14 25.03 -2.23 -6.63
CA ILE A 14 25.37 -3.64 -6.44
C ILE A 14 24.31 -4.50 -7.11
N GLY A 15 24.77 -5.48 -7.90
CA GLY A 15 23.89 -6.38 -8.64
C GLY A 15 23.58 -5.88 -10.04
N LYS A 16 23.76 -4.59 -10.24
CA LYS A 16 23.56 -3.96 -11.55
C LYS A 16 24.88 -3.90 -12.31
N PRO A 17 24.82 -3.78 -13.65
CA PRO A 17 26.05 -3.57 -14.40
C PRO A 17 26.83 -2.35 -13.91
N ALA A 18 28.11 -2.55 -13.61
CA ALA A 18 29.04 -1.50 -13.24
C ALA A 18 29.10 -0.36 -14.26
N PRO A 19 29.23 0.90 -13.79
CA PRO A 19 29.32 2.04 -14.71
C PRO A 19 30.43 1.89 -15.74
N ASP A 20 30.09 2.17 -17.00
CA ASP A 20 31.04 2.03 -18.09
C ASP A 20 32.06 3.17 -18.09
N PHE A 21 33.30 2.86 -18.43
CA PHE A 21 34.35 3.88 -18.51
C PHE A 21 35.29 3.69 -19.69
N ALA A 22 35.78 4.81 -20.21
CA ALA A 22 36.79 4.82 -21.26
C ALA A 22 37.65 6.06 -21.12
N THR A 23 38.93 5.86 -20.85
CA THR A 23 39.88 6.96 -20.71
C THR A 23 41.30 6.56 -21.10
N LYS A 24 42.17 7.56 -21.22
CA LYS A 24 43.61 7.36 -21.41
C LYS A 24 44.25 6.95 -20.08
N ALA A 25 45.27 6.11 -20.16
CA ALA A 25 45.98 5.64 -18.98
C ALA A 25 47.47 5.44 -19.27
N VAL A 26 48.26 5.26 -18.22
CA VAL A 26 49.68 5.02 -18.37
C VAL A 26 50.03 3.59 -17.93
N PHE A 27 50.36 2.75 -18.91
CA PHE A 27 50.77 1.37 -18.68
C PHE A 27 52.11 1.11 -19.35
N ASP A 28 53.03 0.55 -18.57
CA ASP A 28 54.38 0.22 -19.02
C ASP A 28 55.13 1.41 -19.65
N GLY A 29 54.84 2.61 -19.14
CA GLY A 29 55.52 3.83 -19.57
C GLY A 29 55.01 4.44 -20.85
N ASP A 30 53.82 4.03 -21.29
CA ASP A 30 53.22 4.54 -22.51
C ASP A 30 51.77 4.95 -22.28
N PHE A 31 51.27 5.84 -23.12
CA PHE A 31 49.85 6.20 -23.10
C PHE A 31 49.03 5.16 -23.86
N VAL A 32 47.99 4.66 -23.22
CA VAL A 32 47.08 3.67 -23.81
C VAL A 32 45.61 3.98 -23.53
N ASP A 33 44.73 3.43 -24.35
CA ASP A 33 43.29 3.57 -24.19
C ASP A 33 42.70 2.40 -23.42
N VAL A 34 41.93 2.71 -22.38
CA VAL A 34 41.36 1.69 -21.51
C VAL A 34 39.84 1.76 -21.50
N LYS A 35 39.22 0.59 -21.71
CA LYS A 35 37.77 0.44 -21.64
C LYS A 35 37.44 -0.69 -20.68
N LEU A 36 36.28 -0.60 -20.03
CA LEU A 36 35.78 -1.66 -19.16
C LEU A 36 35.43 -2.92 -19.96
N SER A 37 34.91 -2.71 -21.16
CA SER A 37 34.59 -3.79 -22.09
C SER A 37 35.80 -4.65 -22.43
N ASP A 38 37.00 -4.10 -22.22
CA ASP A 38 38.24 -4.81 -22.47
C ASP A 38 38.46 -5.98 -21.51
N TYR A 39 37.76 -5.98 -20.39
CA TYR A 39 37.98 -6.99 -19.36
C TYR A 39 36.76 -7.88 -19.16
N LYS A 40 35.94 -8.00 -20.20
CA LYS A 40 34.80 -8.91 -20.20
C LYS A 40 35.32 -10.34 -20.10
N GLY A 41 34.78 -11.08 -19.14
CA GLY A 41 35.24 -12.44 -18.87
C GLY A 41 36.25 -12.51 -17.74
N LYS A 42 36.59 -11.36 -17.17
CA LYS A 42 37.54 -11.27 -16.05
C LYS A 42 36.95 -10.48 -14.90
N TYR A 43 37.42 -10.77 -13.69
CA TYR A 43 37.15 -9.91 -12.52
C TYR A 43 38.04 -8.68 -12.57
N VAL A 44 37.43 -7.52 -12.29
CA VAL A 44 38.15 -6.25 -12.35
C VAL A 44 38.07 -5.52 -11.01
N VAL A 45 39.24 -5.10 -10.52
CA VAL A 45 39.35 -4.25 -9.34
C VAL A 45 39.76 -2.85 -9.77
N LEU A 46 38.86 -1.89 -9.56
CA LEU A 46 39.11 -0.50 -9.86
C LEU A 46 39.18 0.30 -8.57
N PHE A 47 40.33 0.91 -8.33
CA PHE A 47 40.51 1.76 -7.15
C PHE A 47 40.93 3.19 -7.48
N PHE A 48 40.48 4.12 -6.65
CA PHE A 48 40.70 5.54 -6.84
C PHE A 48 41.65 6.08 -5.79
N TYR A 49 42.41 7.10 -6.17
CA TYR A 49 43.24 7.86 -5.24
C TYR A 49 43.16 9.37 -5.51
N PRO A 50 43.42 10.21 -4.49
CA PRO A 50 43.19 11.66 -4.64
C PRO A 50 44.12 12.38 -5.62
N LEU A 51 45.40 12.44 -5.31
CA LEU A 51 46.32 13.31 -6.05
C LEU A 51 47.69 12.72 -6.35
N ASP A 52 48.26 13.18 -7.45
CA ASP A 52 49.64 12.91 -7.80
C ASP A 52 50.57 13.85 -7.05
N PHE A 53 51.77 13.38 -6.76
CA PHE A 53 52.83 14.17 -6.13
C PHE A 53 52.49 14.65 -4.71
N THR A 54 51.73 13.84 -3.98
CA THR A 54 51.43 14.10 -2.58
C THR A 54 52.63 13.79 -1.70
N PHE A 55 52.76 14.53 -0.59
CA PHE A 55 53.87 14.31 0.33
C PHE A 55 53.73 13.00 1.10
N VAL A 56 52.51 12.48 1.17
CA VAL A 56 52.23 11.15 1.70
C VAL A 56 52.76 10.08 0.75
N CYS A 57 53.44 9.08 1.33
CA CYS A 57 53.95 7.93 0.60
C CYS A 57 52.83 7.22 -0.16
N PRO A 58 53.03 6.99 -1.48
CA PRO A 58 52.05 6.24 -2.25
C PRO A 58 52.17 4.72 -2.06
N THR A 59 52.57 4.31 -0.85
CA THR A 59 52.83 2.90 -0.53
C THR A 59 51.60 2.02 -0.69
N GLU A 60 50.44 2.60 -0.37
CA GLU A 60 49.15 1.97 -0.58
C GLU A 60 48.89 1.66 -2.07
N ILE A 61 49.26 2.60 -2.93
CA ILE A 61 49.15 2.44 -4.37
C ILE A 61 50.19 1.44 -4.88
N ILE A 62 51.41 1.59 -4.35
CA ILE A 62 52.54 0.73 -4.68
C ILE A 62 52.25 -0.74 -4.37
N ALA A 63 51.61 -0.99 -3.24
CA ALA A 63 51.31 -2.35 -2.79
C ALA A 63 50.47 -3.14 -3.79
N PHE A 64 49.56 -2.45 -4.46
CA PHE A 64 48.72 -3.08 -5.49
C PHE A 64 49.49 -3.41 -6.76
N SER A 65 50.49 -2.58 -7.07
CA SER A 65 51.37 -2.79 -8.21
C SER A 65 52.34 -3.96 -7.99
N ASP A 66 52.95 -3.99 -6.81
CA ASP A 66 53.92 -5.01 -6.44
C ASP A 66 53.31 -6.41 -6.36
N ARG A 67 52.10 -6.48 -5.83
CA ARG A 67 51.46 -7.77 -5.59
C ARG A 67 50.45 -8.12 -6.68
N PHE A 68 50.63 -7.52 -7.85
CA PHE A 68 49.78 -7.81 -9.02
C PHE A 68 49.91 -9.26 -9.56
N PRO A 69 51.13 -9.85 -9.52
CA PRO A 69 51.21 -11.27 -9.89
C PRO A 69 50.28 -12.20 -9.09
N GLU A 70 49.84 -11.78 -7.92
CA GLU A 70 48.83 -12.53 -7.16
C GLU A 70 47.45 -12.41 -7.78
N PHE A 71 47.15 -11.21 -8.28
CA PHE A 71 45.88 -10.96 -8.96
C PHE A 71 45.85 -11.62 -10.33
N LYS A 72 46.99 -11.61 -11.01
CA LYS A 72 47.14 -12.23 -12.32
C LYS A 72 46.95 -13.74 -12.24
N ASN A 73 47.45 -14.33 -11.15
CA ASN A 73 47.26 -15.74 -10.82
C ASN A 73 45.78 -16.13 -10.69
N LEU A 74 44.98 -15.18 -10.22
CA LEU A 74 43.54 -15.38 -10.06
C LEU A 74 42.74 -14.80 -11.23
N ASN A 75 43.45 -14.50 -12.32
CA ASN A 75 42.88 -13.91 -13.54
C ASN A 75 42.10 -12.62 -13.26
N VAL A 76 42.74 -11.71 -12.53
CA VAL A 76 42.10 -10.47 -12.08
C VAL A 76 42.90 -9.26 -12.58
N ALA A 77 42.20 -8.32 -13.19
CA ALA A 77 42.77 -7.03 -13.60
C ALA A 77 42.67 -6.01 -12.47
N VAL A 78 43.69 -5.17 -12.36
CA VAL A 78 43.72 -4.13 -11.33
C VAL A 78 43.99 -2.76 -11.96
N LEU A 79 43.05 -1.84 -11.76
CA LEU A 79 43.11 -0.50 -12.35
C LEU A 79 43.11 0.61 -11.29
N ALA A 80 44.13 1.47 -11.37
CA ALA A 80 44.26 2.65 -10.51
C ALA A 80 43.78 3.89 -11.25
N CYS A 81 43.23 4.86 -10.52
CA CYS A 81 42.66 6.06 -11.12
C CYS A 81 42.70 7.29 -10.20
N SER A 82 42.86 8.46 -10.83
CA SER A 82 42.74 9.78 -10.17
C SER A 82 42.37 10.87 -11.18
N THR A 83 42.02 12.05 -10.67
CA THR A 83 41.62 13.16 -11.54
C THR A 83 42.79 14.01 -12.05
N ASP A 84 43.99 13.44 -12.01
CA ASP A 84 45.18 14.05 -12.59
C ASP A 84 45.35 13.62 -14.05
N SER A 85 46.21 14.31 -14.78
CA SER A 85 46.45 14.00 -16.19
C SER A 85 47.35 12.78 -16.38
N VAL A 86 47.38 12.26 -17.61
CA VAL A 86 48.33 11.23 -18.00
C VAL A 86 49.76 11.74 -17.98
N PHE A 87 49.94 13.01 -18.30
CA PHE A 87 51.23 13.69 -18.23
C PHE A 87 51.72 13.80 -16.78
N SER A 88 50.78 13.97 -15.86
CA SER A 88 51.10 13.96 -14.44
C SER A 88 51.43 12.57 -13.95
N HIS A 89 50.68 11.57 -14.42
CA HIS A 89 50.92 10.16 -14.09
C HIS A 89 52.32 9.69 -14.52
N LEU A 90 52.65 9.91 -15.79
CA LEU A 90 53.94 9.53 -16.35
C LEU A 90 55.10 10.22 -15.63
N ALA A 91 54.89 11.48 -15.27
CA ALA A 91 55.87 12.26 -14.50
C ALA A 91 56.13 11.64 -13.12
N TRP A 92 55.06 11.17 -12.50
CA TRP A 92 55.16 10.57 -11.17
C TRP A 92 55.71 9.15 -11.22
N ILE A 93 55.40 8.42 -12.28
CA ILE A 93 55.94 7.08 -12.52
C ILE A 93 57.45 7.15 -12.78
N ASN A 94 57.87 8.15 -13.54
CA ASN A 94 59.27 8.38 -13.84
C ASN A 94 60.09 8.88 -12.65
N THR A 95 59.40 9.40 -11.62
CA THR A 95 60.04 9.76 -10.36
C THR A 95 60.34 8.48 -9.56
N PRO A 96 61.62 8.27 -9.17
CA PRO A 96 61.99 7.10 -8.37
C PRO A 96 61.29 7.07 -7.02
N ARG A 97 61.02 5.87 -6.53
CA ARG A 97 60.34 5.65 -5.24
C ARG A 97 61.13 6.20 -4.07
N LYS A 98 62.45 6.29 -4.25
CA LYS A 98 63.35 6.92 -3.29
C LYS A 98 63.09 8.43 -3.13
N HIS A 99 62.55 9.04 -4.18
CA HIS A 99 62.23 10.47 -4.17
C HIS A 99 60.73 10.73 -4.14
N GLY A 100 60.00 9.81 -3.52
CA GLY A 100 58.55 9.94 -3.33
C GLY A 100 57.73 9.79 -4.59
N GLY A 101 58.23 9.00 -5.54
CA GLY A 101 57.51 8.69 -6.76
C GLY A 101 56.85 7.33 -6.74
N LEU A 102 56.24 6.94 -7.85
CA LEU A 102 55.61 5.63 -7.97
C LEU A 102 56.58 4.54 -8.44
N GLY A 103 57.59 4.94 -9.19
CA GLY A 103 58.51 4.00 -9.83
C GLY A 103 57.83 3.23 -10.94
N ASP A 104 58.29 2.00 -11.18
CA ASP A 104 57.68 1.11 -12.17
C ASP A 104 56.34 0.59 -11.70
N MET A 105 55.36 0.59 -12.61
CA MET A 105 54.01 0.19 -12.28
C MET A 105 53.56 -1.00 -13.13
N LYS A 106 53.19 -2.08 -12.46
CA LYS A 106 52.67 -3.28 -13.11
C LYS A 106 51.20 -3.15 -13.50
N ILE A 107 50.56 -2.10 -13.03
CA ILE A 107 49.15 -1.84 -13.30
C ILE A 107 48.93 -0.54 -14.07
N PRO A 108 47.84 -0.46 -14.84
CA PRO A 108 47.51 0.79 -15.52
C PRO A 108 47.05 1.87 -14.54
N VAL A 109 47.48 3.11 -14.77
CA VAL A 109 47.02 4.26 -13.98
C VAL A 109 46.17 5.20 -14.83
N LEU A 110 44.87 5.21 -14.56
CA LEU A 110 43.88 5.90 -15.37
C LEU A 110 43.79 7.38 -15.01
N ALA A 111 43.64 8.20 -16.04
CA ALA A 111 43.49 9.64 -15.85
C ALA A 111 42.04 10.05 -16.03
N ASP A 112 41.51 10.75 -15.04
CA ASP A 112 40.11 11.15 -15.05
C ASP A 112 39.98 12.67 -14.95
N THR A 113 40.65 13.37 -15.86
CA THR A 113 40.74 14.82 -15.83
C THR A 113 39.44 15.53 -16.04
N ASN A 114 38.48 14.86 -16.66
CA ASN A 114 37.17 15.43 -16.90
C ASN A 114 36.17 15.09 -15.79
N HIS A 115 36.65 14.35 -14.80
CA HIS A 115 35.90 14.02 -13.57
C HIS A 115 34.73 13.05 -13.81
N GLN A 116 34.68 12.47 -15.01
CA GLN A 116 33.54 11.66 -15.43
C GLN A 116 33.42 10.32 -14.71
N ILE A 117 34.54 9.63 -14.55
CA ILE A 117 34.51 8.28 -13.98
C ILE A 117 34.27 8.34 -12.47
N ALA A 118 34.89 9.31 -11.82
CA ALA A 118 34.69 9.58 -10.40
C ALA A 118 33.22 9.88 -10.10
N LYS A 119 32.62 10.74 -10.92
CA LYS A 119 31.21 11.09 -10.81
C LYS A 119 30.30 9.87 -10.92
N ASP A 120 30.59 9.01 -11.91
CA ASP A 120 29.80 7.82 -12.19
C ASP A 120 29.83 6.81 -11.05
N TYR A 121 30.99 6.71 -10.40
CA TYR A 121 31.15 5.81 -9.27
C TYR A 121 30.86 6.48 -7.91
N GLY A 122 30.54 7.76 -7.95
CA GLY A 122 30.16 8.53 -6.75
C GLY A 122 31.25 8.63 -5.72
N VAL A 123 32.48 8.80 -6.20
CA VAL A 123 33.64 8.93 -5.33
C VAL A 123 34.27 10.31 -5.43
N LEU A 124 33.63 11.21 -6.17
CA LEU A 124 34.17 12.55 -6.39
C LEU A 124 33.88 13.50 -5.23
N LYS A 125 34.94 14.07 -4.65
CA LYS A 125 34.80 15.16 -3.69
C LYS A 125 34.66 16.46 -4.47
N ASP A 126 33.46 16.99 -4.51
CA ASP A 126 33.13 18.11 -5.38
C ASP A 126 33.97 19.37 -5.16
N ASP A 127 34.10 19.76 -3.90
CA ASP A 127 34.76 21.02 -3.54
C ASP A 127 36.27 21.05 -3.81
N GLU A 128 36.86 19.90 -4.07
CA GLU A 128 38.27 19.81 -4.41
C GLU A 128 38.53 19.24 -5.81
N GLY A 129 37.53 18.58 -6.37
CA GLY A 129 37.65 17.93 -7.68
C GLY A 129 38.63 16.76 -7.64
N ILE A 130 38.65 16.05 -6.52
CA ILE A 130 39.51 14.89 -6.34
C ILE A 130 38.69 13.66 -5.91
N ALA A 131 39.23 12.47 -6.12
CA ALA A 131 38.51 11.25 -5.82
C ALA A 131 38.81 10.71 -4.43
N TYR A 132 37.77 10.27 -3.73
CA TYR A 132 37.94 9.57 -2.46
C TYR A 132 38.57 8.22 -2.72
N ARG A 133 39.15 7.62 -1.68
CA ARG A 133 39.83 6.33 -1.83
C ARG A 133 38.83 5.19 -1.94
N GLY A 134 38.21 5.10 -3.10
CA GLY A 134 37.22 4.07 -3.40
C GLY A 134 37.83 2.86 -4.07
N LEU A 135 37.22 1.71 -3.83
CA LEU A 135 37.59 0.45 -4.48
C LEU A 135 36.35 -0.35 -4.86
N PHE A 136 36.31 -0.79 -6.10
CA PHE A 136 35.15 -1.49 -6.65
C PHE A 136 35.52 -2.81 -7.32
N ILE A 137 34.72 -3.83 -7.06
CA ILE A 137 34.95 -5.17 -7.62
C ILE A 137 33.86 -5.51 -8.63
N ILE A 138 34.29 -5.79 -9.86
CA ILE A 138 33.39 -6.11 -10.98
C ILE A 138 33.65 -7.52 -11.51
N ASP A 139 32.58 -8.29 -11.71
CA ASP A 139 32.68 -9.66 -12.19
C ASP A 139 32.88 -9.78 -13.72
N PRO A 140 33.06 -11.02 -14.25
CA PRO A 140 33.23 -11.28 -15.68
C PRO A 140 32.11 -10.77 -16.58
N LYS A 141 30.88 -10.81 -16.08
CA LYS A 141 29.72 -10.34 -16.83
C LYS A 141 29.56 -8.82 -16.79
N GLY A 142 30.42 -8.16 -16.02
CA GLY A 142 30.41 -6.70 -15.89
C GLY A 142 29.39 -6.21 -14.88
N ILE A 143 29.16 -7.02 -13.85
CA ILE A 143 28.24 -6.72 -12.75
C ILE A 143 29.03 -6.29 -11.53
N LEU A 144 28.63 -5.18 -10.92
CA LEU A 144 29.25 -4.66 -9.69
C LEU A 144 28.92 -5.55 -8.51
N ARG A 145 29.95 -5.91 -7.74
CA ARG A 145 29.84 -6.91 -6.69
C ARG A 145 30.19 -6.39 -5.30
N GLN A 146 31.02 -5.35 -5.25
CA GLN A 146 31.51 -4.82 -3.98
C GLN A 146 31.85 -3.34 -4.08
N ILE A 147 31.39 -2.56 -3.10
CA ILE A 147 31.73 -1.14 -3.00
C ILE A 147 32.52 -0.87 -1.72
N THR A 148 33.67 -0.22 -1.88
CA THR A 148 34.45 0.25 -0.75
C THR A 148 34.83 1.70 -0.97
N ILE A 149 34.35 2.59 -0.10
CA ILE A 149 34.75 3.98 -0.12
C ILE A 149 35.37 4.38 1.22
N ASN A 150 36.59 4.88 1.16
CA ASN A 150 37.28 5.40 2.34
C ASN A 150 37.42 6.91 2.26
N ASP A 151 37.37 7.56 3.41
CA ASP A 151 37.77 8.96 3.51
C ASP A 151 39.26 9.07 3.17
N LEU A 152 39.70 10.25 2.77
CA LEU A 152 41.08 10.49 2.32
C LEU A 152 42.22 9.96 3.21
N PRO A 153 42.15 10.17 4.55
CA PRO A 153 43.29 9.75 5.37
C PRO A 153 43.53 8.23 5.50
N VAL A 154 42.58 7.38 5.12
CA VAL A 154 42.69 5.93 5.32
C VAL A 154 42.82 5.11 4.02
N GLY A 155 43.90 4.33 3.93
CA GLY A 155 44.16 3.49 2.76
C GLY A 155 43.49 2.14 2.81
N ARG A 156 43.71 1.33 1.77
CA ARG A 156 43.06 0.03 1.61
C ARG A 156 44.04 -1.14 1.72
N SER A 157 43.53 -2.30 2.09
CA SER A 157 44.35 -3.50 2.27
C SER A 157 44.26 -4.43 1.06
N VAL A 158 45.43 -4.85 0.58
CA VAL A 158 45.53 -5.78 -0.54
C VAL A 158 44.98 -7.16 -0.16
N ASP A 159 45.33 -7.61 1.04
CA ASP A 159 44.83 -8.86 1.59
C ASP A 159 43.31 -8.92 1.62
N GLU A 160 42.68 -7.80 2.00
CA GLU A 160 41.23 -7.70 2.04
C GLU A 160 40.64 -7.79 0.64
N THR A 161 41.22 -7.04 -0.29
CA THR A 161 40.82 -7.06 -1.70
C THR A 161 40.94 -8.49 -2.27
N LEU A 162 42.03 -9.16 -1.93
CA LEU A 162 42.27 -10.53 -2.36
C LEU A 162 41.29 -11.52 -1.75
N ARG A 163 40.97 -11.34 -0.47
CA ARG A 163 40.00 -12.18 0.24
C ARG A 163 38.63 -12.09 -0.42
N LEU A 164 38.26 -10.88 -0.80
CA LEU A 164 36.96 -10.62 -1.39
C LEU A 164 36.84 -11.24 -2.77
N VAL A 165 37.86 -11.02 -3.60
CA VAL A 165 37.91 -11.51 -4.98
C VAL A 165 37.75 -13.03 -5.07
N GLN A 166 38.47 -13.75 -4.21
CA GLN A 166 38.43 -15.20 -4.18
C GLN A 166 37.10 -15.74 -3.67
N ALA A 167 36.50 -15.02 -2.72
CA ALA A 167 35.20 -15.38 -2.18
C ALA A 167 34.11 -15.29 -3.25
N PHE A 168 34.23 -14.31 -4.13
CA PHE A 168 33.32 -14.15 -5.25
C PHE A 168 33.54 -15.23 -6.31
N GLN A 169 34.79 -15.56 -6.57
CA GLN A 169 35.13 -16.60 -7.54
C GLN A 169 34.67 -17.98 -7.08
N TYR A 170 34.75 -18.23 -5.78
CA TYR A 170 34.29 -19.48 -5.19
C TYR A 170 32.77 -19.60 -5.25
N THR A 171 32.08 -18.53 -4.87
CA THR A 171 30.62 -18.49 -4.86
C THR A 171 30.01 -18.43 -6.25
N ASP A 172 30.81 -18.03 -7.23
CA ASP A 172 30.40 -18.12 -8.63
C ASP A 172 30.35 -19.56 -9.10
N LYS A 173 31.32 -20.35 -8.65
CA LYS A 173 31.49 -21.75 -9.05
C LYS A 173 30.51 -22.67 -8.32
N HIS A 174 30.25 -22.34 -7.06
CA HIS A 174 29.38 -23.16 -6.24
C HIS A 174 28.20 -22.34 -5.76
N GLY A 175 28.48 -21.31 -4.93
CA GLY A 175 27.45 -20.56 -4.23
C GLY A 175 27.07 -21.33 -2.98
N GLU A 176 25.80 -21.28 -2.60
CA GLU A 176 25.21 -22.20 -1.62
C GLU A 176 26.12 -22.47 -0.40
N VAL A 177 26.72 -21.42 0.15
CA VAL A 177 27.81 -21.53 1.12
C VAL A 177 27.37 -21.90 2.54
N CYS A 178 28.29 -22.54 3.27
CA CYS A 178 28.13 -22.77 4.70
C CYS A 178 29.44 -22.53 5.45
N PRO A 179 29.87 -21.25 5.56
CA PRO A 179 31.11 -20.95 6.28
C PRO A 179 30.94 -21.02 7.80
N HIS B 8 13.84 5.64 -0.81
CA HIS B 8 14.00 5.93 -2.27
C HIS B 8 15.40 6.46 -2.62
N MET B 9 15.92 7.35 -1.78
CA MET B 9 17.23 7.96 -2.00
C MET B 9 18.17 7.72 -0.82
N SER B 10 19.40 7.34 -1.13
CA SER B 10 20.45 7.18 -0.11
C SER B 10 20.87 8.52 0.46
N LYS B 11 21.19 8.51 1.75
CA LYS B 11 21.61 9.72 2.45
C LYS B 11 23.04 9.62 2.96
N ALA B 12 23.66 8.47 2.74
CA ALA B 12 25.00 8.21 3.22
C ALA B 12 26.08 8.80 2.30
N PHE B 13 26.81 9.79 2.81
CA PHE B 13 27.90 10.40 2.07
C PHE B 13 29.14 10.54 2.94
N ILE B 14 30.29 10.23 2.34
CA ILE B 14 31.59 10.32 3.01
C ILE B 14 31.94 11.78 3.26
N GLY B 15 32.21 12.11 4.52
CA GLY B 15 32.53 13.47 4.94
C GLY B 15 31.32 14.26 5.37
N LYS B 16 30.15 13.65 5.25
CA LYS B 16 28.89 14.28 5.61
C LYS B 16 28.31 13.62 6.87
N PRO B 17 27.46 14.34 7.62
CA PRO B 17 26.76 13.75 8.76
C PRO B 17 26.07 12.44 8.41
N ALA B 18 26.42 11.38 9.14
CA ALA B 18 25.84 10.05 8.93
C ALA B 18 24.33 10.06 9.11
N PRO B 19 23.59 9.34 8.23
CA PRO B 19 22.14 9.32 8.31
C PRO B 19 21.66 8.93 9.70
N ASP B 20 20.80 9.76 10.26
CA ASP B 20 20.31 9.55 11.62
C ASP B 20 19.29 8.41 11.66
N PHE B 21 19.37 7.60 12.70
CA PHE B 21 18.45 6.46 12.87
C PHE B 21 17.98 6.27 14.29
N ALA B 22 16.75 5.79 14.44
CA ALA B 22 16.19 5.46 15.73
C ALA B 22 15.24 4.28 15.59
N THR B 23 15.53 3.19 16.30
CA THR B 23 14.74 1.96 16.21
C THR B 23 14.86 1.09 17.46
N LYS B 24 14.01 0.08 17.57
CA LYS B 24 14.12 -0.91 18.64
C LYS B 24 15.14 -1.98 18.26
N ALA B 25 15.78 -2.56 19.26
CA ALA B 25 16.83 -3.56 19.06
C ALA B 25 16.82 -4.56 20.19
N VAL B 26 17.56 -5.66 20.04
CA VAL B 26 17.75 -6.61 21.13
C VAL B 26 19.17 -6.53 21.67
N PHE B 27 19.27 -6.27 22.98
CA PHE B 27 20.55 -6.22 23.67
C PHE B 27 20.43 -6.91 25.03
N ASP B 28 21.34 -7.84 25.28
CA ASP B 28 21.34 -8.66 26.49
C ASP B 28 19.99 -9.34 26.78
N GLY B 29 19.24 -9.63 25.72
CA GLY B 29 17.95 -10.30 25.84
C GLY B 29 16.77 -9.43 26.21
N ASP B 30 16.89 -8.13 25.94
CA ASP B 30 15.84 -7.16 26.23
C ASP B 30 15.62 -6.25 25.03
N PHE B 31 14.38 -5.78 24.86
CA PHE B 31 14.06 -4.76 23.87
C PHE B 31 14.50 -3.39 24.35
N VAL B 32 15.39 -2.77 23.58
CA VAL B 32 15.90 -1.44 23.90
C VAL B 32 15.78 -0.50 22.72
N ASP B 33 15.72 0.80 23.00
CA ASP B 33 15.73 1.82 21.95
C ASP B 33 17.14 2.24 21.63
N VAL B 34 17.44 2.35 20.35
CA VAL B 34 18.77 2.74 19.89
C VAL B 34 18.67 3.96 18.99
N LYS B 35 19.44 4.99 19.31
CA LYS B 35 19.55 6.18 18.46
C LYS B 35 21.00 6.37 18.10
N LEU B 36 21.27 7.08 17.01
CA LEU B 36 22.65 7.39 16.64
C LEU B 36 23.25 8.43 17.59
N SER B 37 22.42 9.36 18.04
CA SER B 37 22.82 10.39 19.00
C SER B 37 23.35 9.82 20.31
N ASP B 38 22.98 8.57 20.62
CA ASP B 38 23.45 7.85 21.80
C ASP B 38 24.94 7.61 21.81
N TYR B 39 25.56 7.72 20.64
CA TYR B 39 26.95 7.34 20.45
C TYR B 39 27.83 8.51 20.03
N LYS B 40 27.50 9.71 20.52
CA LYS B 40 28.34 10.88 20.31
C LYS B 40 29.60 10.78 21.15
N GLY B 41 30.70 11.27 20.62
CA GLY B 41 32.00 11.14 21.25
C GLY B 41 32.61 9.76 21.16
N LYS B 42 32.11 8.95 20.22
CA LYS B 42 32.53 7.56 20.06
C LYS B 42 32.44 7.13 18.60
N TYR B 43 33.31 6.22 18.20
CA TYR B 43 33.23 5.59 16.88
C TYR B 43 32.17 4.50 16.86
N VAL B 44 31.38 4.50 15.80
CA VAL B 44 30.31 3.52 15.60
C VAL B 44 30.56 2.71 14.34
N VAL B 45 30.39 1.40 14.44
CA VAL B 45 30.38 0.50 13.28
C VAL B 45 28.99 -0.11 13.12
N LEU B 46 28.23 0.38 12.16
CA LEU B 46 26.93 -0.17 11.84
C LEU B 46 27.05 -1.12 10.66
N PHE B 47 26.63 -2.37 10.85
CA PHE B 47 26.63 -3.35 9.77
C PHE B 47 25.32 -4.08 9.59
N PHE B 48 24.94 -4.26 8.33
CA PHE B 48 23.68 -4.87 7.97
C PHE B 48 23.87 -6.33 7.57
N TYR B 49 22.84 -7.13 7.82
CA TYR B 49 22.79 -8.50 7.33
C TYR B 49 21.40 -8.83 6.76
N PRO B 50 21.32 -9.79 5.81
CA PRO B 50 20.07 -10.02 5.09
C PRO B 50 18.91 -10.55 5.93
N LEU B 51 19.04 -11.75 6.47
CA LEU B 51 17.89 -12.44 7.06
C LEU B 51 18.17 -13.17 8.37
N ASP B 52 17.16 -13.19 9.24
CA ASP B 52 17.15 -14.05 10.42
C ASP B 52 16.78 -15.46 10.02
N PHE B 53 17.32 -16.44 10.75
CA PHE B 53 17.09 -17.87 10.52
C PHE B 53 17.48 -18.34 9.12
N THR B 54 18.49 -17.68 8.57
CA THR B 54 19.12 -18.12 7.32
C THR B 54 19.83 -19.44 7.54
N PHE B 55 19.70 -20.36 6.57
CA PHE B 55 20.34 -21.67 6.62
C PHE B 55 21.87 -21.59 6.58
N VAL B 56 22.38 -20.55 5.93
CA VAL B 56 23.81 -20.25 5.87
C VAL B 56 24.31 -19.81 7.24
N CYS B 57 25.50 -20.29 7.58
CA CYS B 57 26.20 -19.93 8.83
C CYS B 57 26.24 -18.43 9.06
N PRO B 58 25.71 -17.98 10.21
CA PRO B 58 25.80 -16.58 10.60
C PRO B 58 27.08 -16.27 11.37
N THR B 59 28.06 -17.14 11.27
CA THR B 59 29.30 -17.07 12.05
C THR B 59 30.07 -15.76 11.85
N GLU B 60 30.02 -15.23 10.64
CA GLU B 60 30.63 -13.95 10.30
C GLU B 60 30.02 -12.80 11.10
N ILE B 61 28.71 -12.86 11.29
CA ILE B 61 27.97 -11.94 12.17
C ILE B 61 28.34 -12.20 13.62
N ILE B 62 28.40 -13.48 13.98
CA ILE B 62 28.74 -13.92 15.33
C ILE B 62 30.12 -13.42 15.75
N ALA B 63 31.06 -13.44 14.79
CA ALA B 63 32.44 -13.06 15.05
C ALA B 63 32.58 -11.64 15.59
N PHE B 64 31.70 -10.74 15.16
CA PHE B 64 31.66 -9.36 15.66
C PHE B 64 31.23 -9.26 17.12
N SER B 65 30.36 -10.17 17.52
CA SER B 65 29.87 -10.25 18.89
C SER B 65 30.94 -10.85 19.81
N ASP B 66 31.57 -11.93 19.35
CA ASP B 66 32.61 -12.62 20.11
C ASP B 66 33.85 -11.77 20.31
N ARG B 67 34.24 -11.05 19.27
CA ARG B 67 35.44 -10.23 19.32
C ARG B 67 35.15 -8.77 19.68
N PHE B 68 33.95 -8.53 20.21
CA PHE B 68 33.56 -7.20 20.70
C PHE B 68 34.46 -6.62 21.81
N PRO B 69 35.01 -7.47 22.70
CA PRO B 69 36.05 -7.01 23.63
C PRO B 69 37.17 -6.19 23.00
N GLU B 70 37.51 -6.51 21.75
CA GLU B 70 38.52 -5.76 21.01
C GLU B 70 38.01 -4.40 20.58
N PHE B 71 36.73 -4.35 20.22
CA PHE B 71 36.08 -3.10 19.85
C PHE B 71 35.84 -2.20 21.05
N LYS B 72 35.45 -2.80 22.16
CA LYS B 72 35.24 -2.10 23.42
C LYS B 72 36.54 -1.51 23.94
N ASN B 73 37.62 -2.27 23.74
CA ASN B 73 38.96 -1.85 24.10
C ASN B 73 39.40 -0.59 23.37
N LEU B 74 38.87 -0.39 22.19
CA LEU B 74 39.17 0.78 21.38
C LEU B 74 38.11 1.88 21.53
N ASN B 75 37.17 1.69 22.45
CA ASN B 75 36.04 2.60 22.65
C ASN B 75 35.20 2.77 21.37
N VAL B 76 34.78 1.63 20.81
CA VAL B 76 34.01 1.58 19.57
C VAL B 76 32.71 0.82 19.80
N ALA B 77 31.60 1.37 19.32
CA ALA B 77 30.30 0.71 19.37
C ALA B 77 29.99 -0.08 18.08
N VAL B 78 29.51 -1.30 18.26
CA VAL B 78 29.16 -2.18 17.15
C VAL B 78 27.66 -2.43 17.14
N LEU B 79 27.03 -2.20 15.99
CA LEU B 79 25.60 -2.39 15.82
C LEU B 79 25.26 -3.26 14.61
N ALA B 80 24.51 -4.33 14.87
CA ALA B 80 24.01 -5.24 13.84
C ALA B 80 22.58 -4.88 13.45
N CYS B 81 22.25 -5.02 12.16
CA CYS B 81 20.92 -4.63 11.70
C CYS B 81 20.39 -5.44 10.51
N SER B 82 19.08 -5.65 10.48
CA SER B 82 18.37 -6.30 9.38
C SER B 82 16.92 -5.86 9.33
N THR B 83 16.22 -6.25 8.26
CA THR B 83 14.80 -5.92 8.08
C THR B 83 13.86 -6.96 8.72
N ASP B 84 14.40 -7.76 9.63
CA ASP B 84 13.60 -8.64 10.47
C ASP B 84 13.11 -7.90 11.72
N SER B 85 12.09 -8.46 12.37
CA SER B 85 11.49 -7.86 13.56
C SER B 85 12.35 -8.04 14.80
N VAL B 86 12.02 -7.26 15.83
CA VAL B 86 12.73 -7.35 17.10
C VAL B 86 12.41 -8.67 17.82
N PHE B 87 11.22 -9.21 17.56
CA PHE B 87 10.81 -10.52 18.07
C PHE B 87 11.58 -11.65 17.37
N SER B 88 11.82 -11.48 16.08
CA SER B 88 12.58 -12.45 15.28
C SER B 88 14.03 -12.50 15.72
N HIS B 89 14.59 -11.34 16.06
CA HIS B 89 15.95 -11.24 16.56
C HIS B 89 16.14 -12.06 17.85
N LEU B 90 15.25 -11.82 18.81
CA LEU B 90 15.32 -12.45 20.12
C LEU B 90 15.16 -13.96 20.04
N ALA B 91 14.28 -14.43 19.16
CA ALA B 91 14.06 -15.85 18.93
C ALA B 91 15.30 -16.54 18.36
N TRP B 92 15.99 -15.86 17.45
CA TRP B 92 17.20 -16.37 16.84
C TRP B 92 18.37 -16.33 17.82
N ILE B 93 18.35 -15.34 18.71
CA ILE B 93 19.30 -15.23 19.82
C ILE B 93 19.13 -16.37 20.81
N ASN B 94 17.88 -16.70 21.13
CA ASN B 94 17.57 -17.82 22.01
C ASN B 94 17.82 -19.19 21.39
N THR B 95 17.97 -19.24 20.07
CA THR B 95 18.36 -20.46 19.36
C THR B 95 19.87 -20.70 19.54
N PRO B 96 20.25 -21.93 19.97
CA PRO B 96 21.65 -22.28 20.18
C PRO B 96 22.47 -22.21 18.91
N ARG B 97 23.75 -21.88 19.04
CA ARG B 97 24.67 -21.81 17.91
C ARG B 97 24.89 -23.19 17.27
N LYS B 98 24.69 -24.24 18.05
CA LYS B 98 24.75 -25.62 17.56
C LYS B 98 23.61 -25.95 16.61
N HIS B 99 22.49 -25.26 16.78
CA HIS B 99 21.31 -25.44 15.93
C HIS B 99 21.17 -24.32 14.91
N GLY B 100 22.28 -23.67 14.58
CA GLY B 100 22.31 -22.59 13.59
C GLY B 100 21.68 -21.29 14.04
N GLY B 101 21.77 -20.98 15.33
CA GLY B 101 21.26 -19.72 15.89
C GLY B 101 22.35 -18.70 16.16
N LEU B 102 21.98 -17.61 16.83
CA LEU B 102 22.96 -16.57 17.21
C LEU B 102 23.61 -16.82 18.56
N GLY B 103 22.86 -17.40 19.48
CA GLY B 103 23.30 -17.57 20.86
C GLY B 103 23.36 -16.24 21.59
N ASP B 104 24.28 -16.12 22.55
CA ASP B 104 24.50 -14.87 23.27
C ASP B 104 25.12 -13.82 22.36
N MET B 105 24.51 -12.64 22.34
CA MET B 105 25.02 -11.54 21.55
C MET B 105 25.49 -10.38 22.44
N LYS B 106 26.76 -10.04 22.30
CA LYS B 106 27.37 -8.96 23.07
C LYS B 106 27.05 -7.58 22.48
N ILE B 107 26.55 -7.57 21.26
CA ILE B 107 26.21 -6.33 20.55
C ILE B 107 24.70 -6.23 20.31
N PRO B 108 24.17 -4.99 20.23
CA PRO B 108 22.73 -4.81 19.97
C PRO B 108 22.36 -5.17 18.54
N VAL B 109 21.23 -5.86 18.37
CA VAL B 109 20.77 -6.27 17.04
C VAL B 109 19.49 -5.51 16.66
N LEU B 110 19.62 -4.58 15.72
CA LEU B 110 18.58 -3.62 15.37
C LEU B 110 17.54 -4.20 14.42
N ALA B 111 16.28 -3.84 14.66
CA ALA B 111 15.17 -4.22 13.81
C ALA B 111 14.78 -3.09 12.87
N ASP B 112 14.78 -3.39 11.57
CA ASP B 112 14.43 -2.40 10.55
C ASP B 112 13.30 -2.90 9.64
N THR B 113 12.23 -3.37 10.25
CA THR B 113 11.01 -3.73 9.50
C THR B 113 10.43 -2.51 8.78
N ASN B 114 10.85 -1.34 9.24
CA ASN B 114 10.60 -0.07 8.59
C ASN B 114 11.13 0.06 7.18
N HIS B 115 12.24 -0.63 6.92
CA HIS B 115 13.05 -0.49 5.72
C HIS B 115 13.73 0.87 5.65
N GLN B 116 13.53 1.68 6.68
CA GLN B 116 13.93 3.07 6.69
C GLN B 116 15.45 3.26 6.79
N ILE B 117 16.08 2.48 7.65
CA ILE B 117 17.50 2.64 7.92
C ILE B 117 18.31 2.11 6.75
N ALA B 118 17.86 0.99 6.19
CA ALA B 118 18.45 0.41 4.99
C ALA B 118 18.39 1.39 3.82
N LYS B 119 17.22 1.99 3.63
CA LYS B 119 17.01 3.01 2.59
C LYS B 119 17.93 4.21 2.79
N ASP B 120 18.01 4.70 4.02
CA ASP B 120 18.84 5.85 4.35
C ASP B 120 20.31 5.61 4.10
N TYR B 121 20.73 4.35 4.28
CA TYR B 121 22.11 3.95 4.02
C TYR B 121 22.31 3.33 2.63
N GLY B 122 21.22 3.23 1.86
CA GLY B 122 21.27 2.75 0.47
C GLY B 122 21.75 1.33 0.31
N VAL B 123 21.31 0.47 1.22
CA VAL B 123 21.71 -0.93 1.21
C VAL B 123 20.50 -1.85 1.08
N LEU B 124 19.35 -1.29 0.77
CA LEU B 124 18.13 -2.06 0.62
C LEU B 124 18.01 -2.71 -0.77
N LYS B 125 17.81 -4.02 -0.78
CA LYS B 125 17.51 -4.76 -2.01
C LYS B 125 16.02 -4.74 -2.22
N ASP B 126 15.57 -3.85 -3.11
CA ASP B 126 14.17 -3.49 -3.24
C ASP B 126 13.23 -4.66 -3.45
N ASP B 127 13.58 -5.55 -4.38
CA ASP B 127 12.73 -6.66 -4.80
C ASP B 127 12.52 -7.75 -3.73
N GLU B 128 13.35 -7.74 -2.70
CA GLU B 128 13.26 -8.72 -1.63
C GLU B 128 12.97 -8.09 -0.27
N GLY B 129 13.14 -6.77 -0.17
CA GLY B 129 12.96 -6.05 1.08
C GLY B 129 13.94 -6.47 2.17
N ILE B 130 15.15 -6.82 1.75
CA ILE B 130 16.23 -7.22 2.64
C ILE B 130 17.46 -6.35 2.42
N ALA B 131 18.32 -6.27 3.43
CA ALA B 131 19.51 -5.43 3.35
C ALA B 131 20.73 -6.19 2.85
N TYR B 132 21.49 -5.55 1.96
CA TYR B 132 22.78 -6.06 1.53
C TYR B 132 23.77 -6.01 2.68
N ARG B 133 24.86 -6.76 2.56
CA ARG B 133 25.88 -6.80 3.61
C ARG B 133 26.72 -5.52 3.64
N GLY B 134 26.12 -4.45 4.13
CA GLY B 134 26.78 -3.16 4.24
C GLY B 134 27.41 -2.94 5.60
N LEU B 135 28.48 -2.16 5.62
CA LEU B 135 29.18 -1.81 6.86
C LEU B 135 29.68 -0.38 6.81
N PHE B 136 29.33 0.40 7.84
CA PHE B 136 29.61 1.83 7.87
C PHE B 136 30.35 2.27 9.13
N ILE B 137 31.31 3.17 8.95
CA ILE B 137 32.11 3.68 10.06
C ILE B 137 31.85 5.17 10.28
N ILE B 138 31.35 5.50 11.47
CA ILE B 138 30.99 6.87 11.85
C ILE B 138 31.87 7.35 13.00
N ASP B 139 32.43 8.54 12.86
CA ASP B 139 33.33 9.13 13.86
C ASP B 139 32.57 9.75 15.05
N PRO B 140 33.31 10.22 16.09
CA PRO B 140 32.68 10.74 17.31
C PRO B 140 31.80 11.96 17.09
N LYS B 141 32.12 12.77 16.09
CA LYS B 141 31.33 13.95 15.76
C LYS B 141 30.10 13.62 14.91
N GLY B 142 29.96 12.34 14.56
CA GLY B 142 28.80 11.85 13.80
C GLY B 142 28.92 12.01 12.31
N ILE B 143 30.13 11.91 11.80
CA ILE B 143 30.43 12.07 10.38
C ILE B 143 30.84 10.73 9.76
N LEU B 144 30.19 10.36 8.68
CA LEU B 144 30.47 9.10 7.99
C LEU B 144 31.85 9.09 7.33
N ARG B 145 32.64 8.07 7.68
CA ARG B 145 34.04 8.02 7.30
C ARG B 145 34.36 6.89 6.30
N GLN B 146 33.59 5.81 6.37
CA GLN B 146 33.84 4.65 5.53
C GLN B 146 32.57 3.94 5.10
N ILE B 147 32.47 3.63 3.80
CA ILE B 147 31.37 2.83 3.26
C ILE B 147 31.87 1.48 2.73
N THR B 148 31.25 0.42 3.20
CA THR B 148 31.50 -0.93 2.68
C THR B 148 30.18 -1.61 2.36
N ILE B 149 29.99 -1.98 1.10
CA ILE B 149 28.82 -2.74 0.69
C ILE B 149 29.24 -3.98 -0.08
N ASN B 150 28.87 -5.14 0.43
CA ASN B 150 29.11 -6.43 -0.22
C ASN B 150 27.83 -7.01 -0.81
N ASP B 151 27.96 -7.72 -1.93
CA ASP B 151 26.85 -8.48 -2.48
C ASP B 151 26.52 -9.63 -1.53
N LEU B 152 25.30 -10.14 -1.61
CA LEU B 152 24.74 -11.13 -0.67
C LEU B 152 25.63 -12.33 -0.26
N PRO B 153 26.27 -13.03 -1.23
CA PRO B 153 27.01 -14.24 -0.87
C PRO B 153 28.29 -14.05 -0.05
N VAL B 154 28.85 -12.84 -0.01
CA VAL B 154 30.16 -12.59 0.59
C VAL B 154 30.11 -11.77 1.89
N GLY B 155 30.68 -12.32 2.96
CA GLY B 155 30.74 -11.66 4.27
C GLY B 155 31.91 -10.71 4.46
N ARG B 156 32.01 -10.15 5.67
CA ARG B 156 33.00 -9.12 6.00
C ARG B 156 34.00 -9.56 7.07
N SER B 157 35.19 -8.98 7.03
CA SER B 157 36.30 -9.33 7.92
C SER B 157 36.37 -8.41 9.15
N VAL B 158 36.34 -9.02 10.33
CA VAL B 158 36.46 -8.29 11.61
C VAL B 158 37.82 -7.61 11.73
N ASP B 159 38.86 -8.34 11.30
CA ASP B 159 40.22 -7.80 11.23
C ASP B 159 40.31 -6.53 10.37
N GLU B 160 39.63 -6.55 9.22
CA GLU B 160 39.58 -5.41 8.33
C GLU B 160 38.85 -4.23 8.96
N THR B 161 37.70 -4.51 9.56
CA THR B 161 36.92 -3.51 10.28
C THR B 161 37.77 -2.87 11.39
N LEU B 162 38.54 -3.69 12.08
CA LEU B 162 39.46 -3.22 13.11
C LEU B 162 40.60 -2.41 12.54
N ARG B 163 41.16 -2.87 11.42
CA ARG B 163 42.24 -2.18 10.74
C ARG B 163 41.82 -0.79 10.29
N LEU B 164 40.59 -0.69 9.82
CA LEU B 164 40.04 0.57 9.33
C LEU B 164 39.80 1.55 10.47
N VAL B 165 39.10 1.10 11.51
CA VAL B 165 38.67 1.98 12.60
C VAL B 165 39.86 2.58 13.37
N GLN B 166 40.85 1.75 13.67
CA GLN B 166 42.03 2.25 14.35
C GLN B 166 42.91 3.12 13.47
N ALA B 167 42.86 2.88 12.15
CA ALA B 167 43.49 3.78 11.20
C ALA B 167 42.81 5.14 11.18
N PHE B 168 41.49 5.15 11.30
CA PHE B 168 40.71 6.38 11.39
C PHE B 168 40.97 7.12 12.69
N GLN B 169 41.11 6.38 13.78
CA GLN B 169 41.40 6.94 15.09
C GLN B 169 42.80 7.54 15.14
N TYR B 170 43.74 6.87 14.51
CA TYR B 170 45.12 7.34 14.43
C TYR B 170 45.23 8.62 13.61
N THR B 171 44.54 8.66 12.47
CA THR B 171 44.60 9.82 11.57
C THR B 171 43.80 11.01 12.08
N ASP B 172 42.90 10.75 13.03
CA ASP B 172 42.14 11.80 13.70
C ASP B 172 43.05 12.72 14.53
N LYS B 173 44.07 12.12 15.12
CA LYS B 173 44.96 12.83 16.03
C LYS B 173 46.33 13.16 15.45
N HIS B 174 46.78 12.39 14.46
CA HIS B 174 48.11 12.55 13.87
C HIS B 174 48.14 13.22 12.50
N GLY B 175 47.29 12.74 11.59
CA GLY B 175 47.32 13.20 10.21
C GLY B 175 48.00 12.18 9.31
N GLU B 176 49.19 12.53 8.82
CA GLU B 176 49.95 11.66 7.91
C GLU B 176 51.40 11.49 8.35
N VAL B 177 51.72 10.33 8.94
CA VAL B 177 53.09 9.96 9.25
C VAL B 177 53.71 9.31 8.01
N CYS B 178 54.56 10.07 7.34
CA CYS B 178 55.16 9.66 6.08
C CYS B 178 56.47 8.93 6.32
N MET C 9 -0.39 3.14 -2.71
CA MET C 9 -1.87 3.13 -2.77
C MET C 9 -2.44 1.72 -2.92
N SER C 10 -3.61 1.51 -2.32
CA SER C 10 -4.32 0.23 -2.38
C SER C 10 -4.87 -0.07 -3.76
N LYS C 11 -4.86 -1.35 -4.12
CA LYS C 11 -5.39 -1.81 -5.39
C LYS C 11 -6.59 -2.72 -5.21
N ALA C 12 -7.00 -2.91 -3.96
CA ALA C 12 -8.11 -3.80 -3.64
C ALA C 12 -9.45 -3.08 -3.71
N PHE C 13 -10.34 -3.57 -4.55
CA PHE C 13 -11.67 -3.00 -4.73
C PHE C 13 -12.70 -4.10 -4.89
N ILE C 14 -13.86 -3.90 -4.28
CA ILE C 14 -14.96 -4.87 -4.34
C ILE C 14 -15.57 -4.86 -5.73
N GLY C 15 -15.66 -6.04 -6.33
CA GLY C 15 -16.22 -6.19 -7.67
C GLY C 15 -15.18 -6.17 -8.77
N LYS C 16 -14.01 -5.62 -8.47
CA LYS C 16 -12.90 -5.57 -9.41
C LYS C 16 -11.97 -6.76 -9.18
N PRO C 17 -11.16 -7.12 -10.19
CA PRO C 17 -10.19 -8.22 -10.05
C PRO C 17 -9.24 -8.00 -8.89
N ALA C 18 -9.09 -9.03 -8.06
CA ALA C 18 -8.23 -8.99 -6.88
C ALA C 18 -6.78 -8.70 -7.24
N PRO C 19 -6.08 -7.88 -6.43
CA PRO C 19 -4.68 -7.56 -6.71
C PRO C 19 -3.85 -8.82 -6.85
N ASP C 20 -3.10 -8.91 -7.95
CA ASP C 20 -2.32 -10.08 -8.26
C ASP C 20 -1.08 -10.14 -7.38
N PHE C 21 -0.72 -11.33 -6.94
CA PHE C 21 0.45 -11.50 -6.08
C PHE C 21 1.22 -12.78 -6.40
N ALA C 22 2.53 -12.71 -6.27
CA ALA C 22 3.40 -13.88 -6.41
C ALA C 22 4.57 -13.75 -5.44
N THR C 23 4.71 -14.76 -4.57
CA THR C 23 5.76 -14.80 -3.56
C THR C 23 6.09 -16.22 -3.10
N LYS C 24 7.18 -16.36 -2.37
CA LYS C 24 7.54 -17.60 -1.71
C LYS C 24 6.69 -17.78 -0.44
N ALA C 25 6.40 -19.03 -0.12
CA ALA C 25 5.67 -19.37 1.10
C ALA C 25 6.19 -20.67 1.68
N VAL C 26 5.73 -21.00 2.89
CA VAL C 26 6.08 -22.26 3.52
C VAL C 26 4.84 -23.15 3.63
N PHE C 27 4.93 -24.33 3.05
CA PHE C 27 3.85 -25.31 3.03
C PHE C 27 4.47 -26.69 3.18
N ASP C 28 4.00 -27.42 4.20
CA ASP C 28 4.54 -28.74 4.59
C ASP C 28 6.05 -28.76 4.83
N GLY C 29 6.57 -27.69 5.41
CA GLY C 29 7.98 -27.58 5.77
C GLY C 29 8.93 -27.32 4.62
N ASP C 30 8.39 -26.87 3.48
CA ASP C 30 9.18 -26.58 2.28
C ASP C 30 8.85 -25.23 1.66
N PHE C 31 9.85 -24.64 1.00
CA PHE C 31 9.67 -23.38 0.28
C PHE C 31 9.02 -23.64 -1.08
N VAL C 32 7.88 -23.00 -1.30
CA VAL C 32 7.14 -23.13 -2.56
C VAL C 32 6.68 -21.77 -3.08
N ASP C 33 6.50 -21.69 -4.39
CA ASP C 33 6.00 -20.47 -5.02
C ASP C 33 4.49 -20.48 -5.10
N VAL C 34 3.89 -19.34 -4.80
CA VAL C 34 2.45 -19.20 -4.72
C VAL C 34 2.01 -17.99 -5.52
N LYS C 35 1.13 -18.22 -6.48
CA LYS C 35 0.53 -17.16 -7.29
C LYS C 35 -0.97 -17.17 -7.12
N LEU C 36 -1.61 -16.03 -7.42
CA LEU C 36 -3.06 -15.91 -7.35
C LEU C 36 -3.73 -16.72 -8.46
N SER C 37 -3.10 -16.76 -9.62
CA SER C 37 -3.60 -17.52 -10.78
C SER C 37 -3.66 -19.02 -10.52
N ASP C 38 -2.83 -19.50 -9.60
CA ASP C 38 -2.79 -20.91 -9.17
C ASP C 38 -4.11 -21.39 -8.57
N TYR C 39 -4.93 -20.44 -8.16
CA TYR C 39 -6.17 -20.75 -7.45
C TYR C 39 -7.38 -20.28 -8.25
N LYS C 40 -7.22 -20.27 -9.58
CA LYS C 40 -8.30 -19.95 -10.49
C LYS C 40 -9.31 -21.08 -10.47
N GLY C 41 -10.59 -20.72 -10.45
CA GLY C 41 -11.65 -21.71 -10.31
C GLY C 41 -12.04 -22.03 -8.88
N LYS C 42 -11.19 -21.64 -7.93
CA LYS C 42 -11.44 -21.84 -6.50
C LYS C 42 -11.71 -20.52 -5.80
N TYR C 43 -12.42 -20.59 -4.67
CA TYR C 43 -12.47 -19.47 -3.73
C TYR C 43 -11.19 -19.40 -2.92
N VAL C 44 -10.71 -18.17 -2.70
CA VAL C 44 -9.47 -17.92 -1.98
C VAL C 44 -9.73 -17.00 -0.79
N VAL C 45 -9.23 -17.40 0.37
CA VAL C 45 -9.22 -16.55 1.56
C VAL C 45 -7.79 -16.20 1.92
N LEU C 46 -7.43 -14.94 1.67
CA LEU C 46 -6.11 -14.41 2.02
C LEU C 46 -6.20 -13.59 3.29
N PHE C 47 -5.48 -14.01 4.31
CA PHE C 47 -5.46 -13.26 5.57
C PHE C 47 -4.06 -12.90 6.05
N PHE C 48 -3.92 -11.67 6.53
CA PHE C 48 -2.66 -11.12 6.98
C PHE C 48 -2.52 -11.17 8.50
N TYR C 49 -1.28 -11.29 8.96
CA TYR C 49 -0.98 -11.13 10.37
C TYR C 49 0.31 -10.32 10.56
N PRO C 50 0.48 -9.66 11.71
CA PRO C 50 1.57 -8.71 11.87
C PRO C 50 2.96 -9.34 11.89
N LEU C 51 3.22 -10.19 12.88
CA LEU C 51 4.58 -10.58 13.19
C LEU C 51 4.75 -12.03 13.61
N ASP C 52 5.90 -12.60 13.26
CA ASP C 52 6.34 -13.89 13.78
C ASP C 52 6.96 -13.72 15.17
N PHE C 53 6.82 -14.76 15.99
CA PHE C 53 7.40 -14.82 17.33
C PHE C 53 6.91 -13.74 18.32
N THR C 54 5.65 -13.35 18.18
CA THR C 54 5.00 -12.46 19.15
C THR C 54 4.72 -13.22 20.43
N PHE C 55 4.82 -12.54 21.57
CA PHE C 55 4.60 -13.13 22.89
C PHE C 55 3.16 -13.54 23.15
N VAL C 56 2.23 -12.74 22.64
CA VAL C 56 0.82 -13.11 22.63
C VAL C 56 0.66 -14.22 21.60
N CYS C 57 -0.05 -15.29 21.94
CA CYS C 57 -0.09 -16.48 21.08
C CYS C 57 -0.86 -16.36 19.77
N PRO C 58 -0.44 -17.11 18.73
CA PRO C 58 -1.12 -17.12 17.44
C PRO C 58 -2.26 -18.14 17.38
N THR C 59 -3.11 -18.13 18.42
CA THR C 59 -4.24 -19.05 18.50
C THR C 59 -5.23 -18.86 17.35
N GLU C 60 -5.40 -17.61 16.91
CA GLU C 60 -6.26 -17.31 15.79
C GLU C 60 -5.70 -17.84 14.46
N ILE C 61 -4.38 -17.71 14.28
CA ILE C 61 -3.69 -18.17 13.07
C ILE C 61 -3.68 -19.70 13.02
N ILE C 62 -3.47 -20.32 14.18
CA ILE C 62 -3.54 -21.77 14.35
C ILE C 62 -4.93 -22.30 14.01
N ALA C 63 -5.95 -21.57 14.47
CA ALA C 63 -7.34 -21.97 14.27
C ALA C 63 -7.73 -22.16 12.81
N PHE C 64 -7.15 -21.37 11.92
CA PHE C 64 -7.38 -21.51 10.48
C PHE C 64 -6.71 -22.75 9.89
N SER C 65 -5.57 -23.14 10.46
CA SER C 65 -4.85 -24.34 10.05
C SER C 65 -5.55 -25.62 10.51
N ASP C 66 -5.97 -25.62 11.77
CA ASP C 66 -6.66 -26.77 12.37
C ASP C 66 -7.99 -27.07 11.69
N ARG C 67 -8.71 -26.02 11.31
CA ARG C 67 -10.04 -26.17 10.72
C ARG C 67 -10.03 -26.07 9.20
N PHE C 68 -8.87 -26.32 8.60
CA PHE C 68 -8.72 -26.31 7.14
C PHE C 68 -9.49 -27.43 6.41
N PRO C 69 -9.59 -28.64 7.00
CA PRO C 69 -10.44 -29.68 6.41
C PRO C 69 -11.86 -29.22 6.09
N GLU C 70 -12.36 -28.24 6.84
CA GLU C 70 -13.67 -27.66 6.59
C GLU C 70 -13.66 -26.78 5.33
N PHE C 71 -12.57 -26.05 5.14
CA PHE C 71 -12.38 -25.19 3.99
C PHE C 71 -12.10 -26.01 2.73
N LYS C 72 -11.31 -27.07 2.89
CA LYS C 72 -11.00 -27.99 1.81
C LYS C 72 -12.27 -28.71 1.33
N ASN C 73 -13.15 -29.00 2.28
CA ASN C 73 -14.46 -29.60 2.00
C ASN C 73 -15.33 -28.74 1.09
N LEU C 74 -15.16 -27.43 1.19
CA LEU C 74 -15.92 -26.47 0.38
C LEU C 74 -15.12 -26.00 -0.84
N ASN C 75 -14.00 -26.67 -1.10
CA ASN C 75 -13.07 -26.32 -2.18
C ASN C 75 -12.57 -24.87 -2.09
N VAL C 76 -12.06 -24.51 -0.91
CA VAL C 76 -11.60 -23.15 -0.62
C VAL C 76 -10.16 -23.15 -0.12
N ALA C 77 -9.32 -22.34 -0.76
CA ALA C 77 -7.93 -22.18 -0.34
C ALA C 77 -7.80 -21.11 0.73
N VAL C 78 -6.99 -21.40 1.74
CA VAL C 78 -6.69 -20.45 2.81
C VAL C 78 -5.20 -20.11 2.79
N LEU C 79 -4.89 -18.83 2.67
CA LEU C 79 -3.51 -18.37 2.62
C LEU C 79 -3.18 -17.36 3.72
N ALA C 80 -2.17 -17.67 4.50
CA ALA C 80 -1.67 -16.79 5.56
C ALA C 80 -0.47 -15.97 5.06
N CYS C 81 -0.34 -14.74 5.56
CA CYS C 81 0.72 -13.85 5.09
C CYS C 81 1.17 -12.81 6.12
N SER C 82 2.48 -12.56 6.14
CA SER C 82 3.05 -11.48 6.96
C SER C 82 4.29 -10.92 6.28
N THR C 83 4.83 -9.84 6.84
CA THR C 83 6.04 -9.23 6.30
C THR C 83 7.34 -9.82 6.85
N ASP C 84 7.24 -10.98 7.50
CA ASP C 84 8.41 -11.76 7.90
C ASP C 84 8.84 -12.67 6.75
N SER C 85 10.08 -13.17 6.83
CA SER C 85 10.63 -14.03 5.77
C SER C 85 10.12 -15.46 5.83
N VAL C 86 10.37 -16.21 4.75
CA VAL C 86 10.09 -17.66 4.70
C VAL C 86 10.92 -18.44 5.72
N PHE C 87 12.13 -17.96 5.98
CA PHE C 87 13.02 -18.55 6.99
C PHE C 87 12.50 -18.32 8.40
N SER C 88 11.91 -17.14 8.61
CA SER C 88 11.28 -16.80 9.89
C SER C 88 10.02 -17.63 10.10
N HIS C 89 9.26 -17.83 9.01
CA HIS C 89 8.04 -18.63 9.03
C HIS C 89 8.32 -20.08 9.42
N LEU C 90 9.26 -20.71 8.73
CA LEU C 90 9.61 -22.11 8.96
C LEU C 90 10.09 -22.35 10.39
N ALA C 91 10.83 -21.39 10.93
CA ALA C 91 11.35 -21.47 12.29
C ALA C 91 10.25 -21.45 13.33
N TRP C 92 9.25 -20.59 13.13
CA TRP C 92 8.10 -20.49 14.01
C TRP C 92 7.19 -21.71 13.87
N ILE C 93 7.17 -22.29 12.67
CA ILE C 93 6.49 -23.56 12.42
C ILE C 93 7.21 -24.69 13.16
N ASN C 94 8.54 -24.66 13.14
CA ASN C 94 9.35 -25.65 13.85
C ASN C 94 9.30 -25.52 15.36
N THR C 95 8.84 -24.36 15.85
CA THR C 95 8.63 -24.15 17.28
C THR C 95 7.31 -24.82 17.69
N PRO C 96 7.36 -25.71 18.71
CA PRO C 96 6.14 -26.37 19.18
C PRO C 96 5.12 -25.40 19.75
N ARG C 97 3.84 -25.76 19.66
CA ARG C 97 2.75 -24.94 20.18
C ARG C 97 2.83 -24.77 21.69
N LYS C 98 3.54 -25.70 22.34
CA LYS C 98 3.85 -25.65 23.78
C LYS C 98 4.74 -24.45 24.14
N HIS C 99 5.60 -24.04 23.21
CA HIS C 99 6.49 -22.89 23.42
C HIS C 99 6.07 -21.69 22.59
N GLY C 100 4.77 -21.53 22.41
CA GLY C 100 4.20 -20.38 21.72
C GLY C 100 4.51 -20.29 20.24
N GLY C 101 4.76 -21.45 19.62
CA GLY C 101 5.01 -21.53 18.19
C GLY C 101 3.76 -21.92 17.42
N LEU C 102 3.93 -22.14 16.11
CA LEU C 102 2.82 -22.51 15.24
C LEU C 102 2.58 -24.02 15.16
N GLY C 103 3.65 -24.79 15.30
CA GLY C 103 3.60 -26.24 15.12
C GLY C 103 3.37 -26.61 13.67
N ASP C 104 2.68 -27.71 13.43
CA ASP C 104 2.34 -28.12 12.06
C ASP C 104 1.28 -27.21 11.45
N MET C 105 1.56 -26.71 10.26
CA MET C 105 0.64 -25.83 9.56
C MET C 105 0.13 -26.46 8.26
N LYS C 106 -1.19 -26.57 8.17
CA LYS C 106 -1.85 -27.21 7.03
C LYS C 106 -2.21 -26.22 5.92
N ILE C 107 -1.92 -24.94 6.15
CA ILE C 107 -2.09 -23.89 5.16
C ILE C 107 -0.74 -23.27 4.81
N PRO C 108 -0.60 -22.74 3.58
CA PRO C 108 0.65 -22.07 3.20
C PRO C 108 0.80 -20.74 3.90
N VAL C 109 2.00 -20.44 4.37
CA VAL C 109 2.30 -19.18 5.07
C VAL C 109 3.24 -18.31 4.23
N LEU C 110 2.68 -17.25 3.66
CA LEU C 110 3.37 -16.44 2.66
C LEU C 110 4.28 -15.38 3.26
N ALA C 111 5.40 -15.15 2.59
CA ALA C 111 6.37 -14.13 2.99
C ALA C 111 6.22 -12.89 2.13
N ASP C 112 5.99 -11.74 2.77
CA ASP C 112 5.84 -10.47 2.08
C ASP C 112 6.92 -9.49 2.52
N THR C 113 8.16 -9.88 2.31
CA THR C 113 9.29 -9.11 2.80
C THR C 113 9.53 -7.81 2.02
N ASN C 114 9.09 -7.79 0.77
CA ASN C 114 9.15 -6.59 -0.05
C ASN C 114 7.98 -5.64 0.18
N HIS C 115 7.01 -6.08 0.98
CA HIS C 115 5.85 -5.28 1.37
C HIS C 115 4.86 -5.02 0.24
N GLN C 116 5.10 -5.69 -0.90
CA GLN C 116 4.31 -5.49 -2.11
C GLN C 116 2.87 -5.96 -1.99
N ILE C 117 2.67 -7.13 -1.37
CA ILE C 117 1.34 -7.71 -1.27
C ILE C 117 0.49 -6.95 -0.25
N ALA C 118 1.11 -6.57 0.87
CA ALA C 118 0.47 -5.74 1.88
C ALA C 118 0.05 -4.40 1.31
N LYS C 119 0.96 -3.76 0.59
CA LYS C 119 0.70 -2.50 -0.09
C LYS C 119 -0.46 -2.58 -1.07
N ASP C 120 -0.44 -3.62 -1.90
CA ASP C 120 -1.47 -3.83 -2.91
C ASP C 120 -2.84 -4.08 -2.31
N TYR C 121 -2.87 -4.75 -1.17
CA TYR C 121 -4.11 -4.99 -0.45
C TYR C 121 -4.43 -3.89 0.57
N GLY C 122 -3.53 -2.92 0.68
CA GLY C 122 -3.72 -1.75 1.54
C GLY C 122 -3.86 -2.05 3.01
N VAL C 123 -3.07 -2.98 3.50
CA VAL C 123 -3.11 -3.40 4.89
C VAL C 123 -1.79 -3.15 5.59
N LEU C 124 -0.92 -2.39 4.95
CA LEU C 124 0.39 -2.10 5.51
C LEU C 124 0.38 -0.95 6.54
N LYS C 125 0.91 -1.23 7.72
CA LYS C 125 1.20 -0.20 8.70
C LYS C 125 2.56 0.37 8.37
N ASP C 126 2.56 1.51 7.68
CA ASP C 126 3.76 2.11 7.11
C ASP C 126 4.87 2.36 8.13
N ASP C 127 4.51 2.99 9.24
CA ASP C 127 5.47 3.38 10.25
C ASP C 127 6.09 2.18 11.00
N GLU C 128 5.59 0.98 10.73
CA GLU C 128 6.13 -0.23 11.35
C GLU C 128 6.61 -1.30 10.35
N GLY C 129 6.11 -1.24 9.12
CA GLY C 129 6.43 -2.23 8.09
C GLY C 129 5.88 -3.61 8.39
N ILE C 130 4.66 -3.64 8.92
CA ILE C 130 3.95 -4.87 9.23
C ILE C 130 2.50 -4.75 8.78
N ALA C 131 1.82 -5.88 8.65
CA ALA C 131 0.48 -5.91 8.10
C ALA C 131 -0.56 -5.93 9.20
N TYR C 132 -1.62 -5.17 8.99
CA TYR C 132 -2.79 -5.20 9.87
C TYR C 132 -3.51 -6.54 9.68
N ARG C 133 -4.41 -6.87 10.60
CA ARG C 133 -5.13 -8.14 10.52
C ARG C 133 -6.24 -8.09 9.48
N GLY C 134 -5.85 -8.15 8.21
CA GLY C 134 -6.78 -8.11 7.09
C GLY C 134 -7.16 -9.49 6.62
N LEU C 135 -8.35 -9.61 6.06
CA LEU C 135 -8.84 -10.87 5.49
C LEU C 135 -9.64 -10.59 4.23
N PHE C 136 -9.29 -11.26 3.14
CA PHE C 136 -9.90 -11.00 1.84
C PHE C 136 -10.45 -12.26 1.20
N ILE C 137 -11.64 -12.16 0.61
CA ILE C 137 -12.27 -13.29 -0.06
C ILE C 137 -12.33 -13.08 -1.56
N ILE C 138 -11.77 -14.02 -2.31
CA ILE C 138 -11.64 -13.91 -3.76
C ILE C 138 -12.34 -15.08 -4.45
N ASP C 139 -13.19 -14.78 -5.42
CA ASP C 139 -13.97 -15.81 -6.11
C ASP C 139 -13.18 -16.59 -7.19
N PRO C 140 -13.78 -17.66 -7.77
CA PRO C 140 -13.16 -18.44 -8.85
C PRO C 140 -12.68 -17.66 -10.06
N LYS C 141 -13.33 -16.54 -10.38
CA LYS C 141 -12.92 -15.71 -11.51
C LYS C 141 -11.86 -14.66 -11.15
N GLY C 142 -11.37 -14.72 -9.91
CA GLY C 142 -10.33 -13.82 -9.43
C GLY C 142 -10.80 -12.42 -9.08
N ILE C 143 -12.08 -12.31 -8.73
CA ILE C 143 -12.70 -11.03 -8.36
C ILE C 143 -12.80 -10.93 -6.84
N LEU C 144 -12.36 -9.80 -6.30
CA LEU C 144 -12.44 -9.55 -4.85
C LEU C 144 -13.88 -9.35 -4.41
N ARG C 145 -14.29 -10.11 -3.40
CA ARG C 145 -15.69 -10.16 -2.99
C ARG C 145 -15.93 -9.62 -1.58
N GLN C 146 -14.92 -9.71 -0.73
CA GLN C 146 -15.06 -9.29 0.66
C GLN C 146 -13.78 -8.70 1.24
N ILE C 147 -13.91 -7.57 1.94
CA ILE C 147 -12.80 -6.94 2.64
C ILE C 147 -13.06 -6.87 4.15
N THR C 148 -12.12 -7.40 4.93
CA THR C 148 -12.14 -7.29 6.38
C THR C 148 -10.76 -6.86 6.87
N ILE C 149 -10.69 -5.73 7.57
CA ILE C 149 -9.45 -5.26 8.17
C ILE C 149 -9.62 -4.91 9.65
N ASN C 150 -8.85 -5.59 10.49
CA ASN C 150 -8.88 -5.37 11.94
C ASN C 150 -7.65 -4.66 12.47
N ASP C 151 -7.86 -3.79 13.45
CA ASP C 151 -6.75 -3.21 14.21
C ASP C 151 -6.02 -4.33 14.95
N LEU C 152 -4.75 -4.11 15.23
CA LEU C 152 -3.84 -5.15 15.73
C LEU C 152 -4.34 -6.01 16.91
N PRO C 153 -4.97 -5.39 17.94
CA PRO C 153 -5.33 -6.19 19.10
C PRO C 153 -6.45 -7.23 18.92
N VAL C 154 -7.18 -7.17 17.81
CA VAL C 154 -8.35 -8.05 17.63
C VAL C 154 -8.24 -9.01 16.45
N GLY C 155 -8.39 -10.30 16.75
CA GLY C 155 -8.32 -11.36 15.74
C GLY C 155 -9.64 -11.66 15.04
N ARG C 156 -9.64 -12.72 14.22
CA ARG C 156 -10.76 -13.03 13.32
C ARG C 156 -11.41 -14.40 13.57
N SER C 157 -12.71 -14.46 13.36
CA SER C 157 -13.47 -15.69 13.60
C SER C 157 -13.52 -16.61 12.37
N VAL C 158 -13.16 -17.86 12.59
CA VAL C 158 -13.20 -18.89 11.55
C VAL C 158 -14.65 -19.17 11.13
N ASP C 159 -15.55 -19.20 12.11
CA ASP C 159 -16.98 -19.39 11.89
C ASP C 159 -17.55 -18.32 10.95
N GLU C 160 -17.13 -17.07 11.17
CA GLU C 160 -17.58 -15.95 10.35
C GLU C 160 -17.08 -16.08 8.91
N THR C 161 -15.82 -16.45 8.77
CA THR C 161 -15.19 -16.63 7.46
C THR C 161 -15.90 -17.73 6.66
N LEU C 162 -16.21 -18.84 7.34
CA LEU C 162 -16.96 -19.93 6.75
C LEU C 162 -18.36 -19.54 6.37
N ARG C 163 -19.00 -18.71 7.20
CA ARG C 163 -20.33 -18.19 6.92
C ARG C 163 -20.33 -17.33 5.67
N LEU C 164 -19.29 -16.52 5.53
CA LEU C 164 -19.16 -15.61 4.40
C LEU C 164 -18.95 -16.34 3.08
N VAL C 165 -18.00 -17.28 3.07
CA VAL C 165 -17.64 -18.04 1.86
C VAL C 165 -18.82 -18.86 1.34
N GLN C 166 -19.49 -19.56 2.26
CA GLN C 166 -20.68 -20.34 1.93
C GLN C 166 -21.84 -19.48 1.46
N ALA C 167 -21.95 -18.27 2.02
CA ALA C 167 -22.96 -17.32 1.58
C ALA C 167 -22.66 -16.83 0.18
N PHE C 168 -21.38 -16.61 -0.11
CA PHE C 168 -20.94 -16.19 -1.43
C PHE C 168 -21.08 -17.29 -2.47
N GLN C 169 -20.76 -18.52 -2.09
CA GLN C 169 -20.91 -19.69 -2.96
C GLN C 169 -22.38 -19.96 -3.29
N TYR C 170 -23.23 -19.79 -2.29
CA TYR C 170 -24.67 -19.95 -2.47
C TYR C 170 -25.26 -18.89 -3.38
N THR C 171 -24.88 -17.64 -3.16
CA THR C 171 -25.38 -16.51 -3.95
C THR C 171 -24.81 -16.48 -5.37
N ASP C 172 -23.73 -17.22 -5.59
CA ASP C 172 -23.16 -17.42 -6.91
C ASP C 172 -24.06 -18.29 -7.79
N LYS C 173 -24.58 -19.37 -7.22
CA LYS C 173 -25.44 -20.30 -7.93
C LYS C 173 -26.90 -19.85 -7.95
N HIS C 174 -27.34 -19.24 -6.85
CA HIS C 174 -28.77 -18.99 -6.61
C HIS C 174 -29.21 -17.54 -6.82
N GLY C 175 -28.27 -16.59 -6.82
CA GLY C 175 -28.60 -15.17 -6.81
C GLY C 175 -29.05 -14.76 -5.42
N GLU C 176 -30.22 -14.15 -5.33
CA GLU C 176 -30.77 -13.73 -4.03
C GLU C 176 -32.09 -14.43 -3.68
N VAL C 177 -32.00 -15.44 -2.83
CA VAL C 177 -33.18 -16.16 -2.30
C VAL C 177 -32.98 -16.45 -0.81
N CYS C 178 -33.98 -17.07 -0.17
CA CYS C 178 -33.90 -17.49 1.23
C CYS C 178 -32.84 -18.57 1.44
N HIS D 8 -13.89 11.37 -4.63
CA HIS D 8 -12.71 10.71 -5.25
C HIS D 8 -12.07 9.63 -4.37
N MET D 9 -11.41 10.04 -3.29
CA MET D 9 -10.61 9.13 -2.48
C MET D 9 -11.25 8.76 -1.15
N SER D 10 -11.05 7.51 -0.76
CA SER D 10 -11.45 7.03 0.56
C SER D 10 -10.61 7.71 1.64
N LYS D 11 -11.23 8.06 2.76
CA LYS D 11 -10.54 8.69 3.88
C LYS D 11 -10.43 7.77 5.08
N ALA D 12 -10.93 6.54 4.92
CA ALA D 12 -10.99 5.57 6.01
C ALA D 12 -9.68 4.82 6.21
N PHE D 13 -9.07 5.00 7.38
CA PHE D 13 -7.83 4.30 7.70
C PHE D 13 -7.83 3.77 9.13
N ILE D 14 -7.32 2.56 9.30
CA ILE D 14 -7.20 1.92 10.60
C ILE D 14 -6.10 2.61 11.41
N GLY D 15 -6.44 3.03 12.63
CA GLY D 15 -5.49 3.71 13.51
C GLY D 15 -5.60 5.22 13.47
N LYS D 16 -6.12 5.72 12.36
CA LYS D 16 -6.33 7.17 12.16
C LYS D 16 -7.76 7.56 12.54
N PRO D 17 -8.00 8.87 12.76
CA PRO D 17 -9.37 9.32 12.98
C PRO D 17 -10.31 8.94 11.84
N ALA D 18 -11.45 8.36 12.20
CA ALA D 18 -12.49 8.01 11.24
C ALA D 18 -13.01 9.24 10.50
N PRO D 19 -13.38 9.07 9.22
CA PRO D 19 -13.87 10.22 8.45
C PRO D 19 -15.06 10.88 9.12
N ASP D 20 -14.98 12.20 9.27
CA ASP D 20 -16.05 12.96 9.90
C ASP D 20 -17.27 13.02 8.98
N PHE D 21 -18.45 12.87 9.56
CA PHE D 21 -19.70 12.98 8.81
C PHE D 21 -20.73 13.82 9.56
N ALA D 22 -21.53 14.55 8.81
CA ALA D 22 -22.63 15.33 9.37
C ALA D 22 -23.79 15.36 8.38
N THR D 23 -24.87 14.66 8.73
CA THR D 23 -26.02 14.51 7.84
C THR D 23 -27.36 14.46 8.57
N LYS D 24 -28.47 14.53 7.83
CA LYS D 24 -29.79 14.35 8.41
C LYS D 24 -30.12 12.86 8.49
N ALA D 25 -30.96 12.50 9.44
CA ALA D 25 -31.34 11.10 9.68
C ALA D 25 -32.76 10.97 10.22
N VAL D 26 -33.28 9.76 10.24
CA VAL D 26 -34.58 9.47 10.84
C VAL D 26 -34.41 8.64 12.10
N PHE D 27 -34.84 9.19 13.22
CA PHE D 27 -34.82 8.50 14.50
C PHE D 27 -36.10 8.79 15.23
N ASP D 28 -36.79 7.73 15.64
CA ASP D 28 -38.03 7.83 16.40
C ASP D 28 -39.12 8.60 15.65
N GLY D 29 -39.10 8.49 14.32
CA GLY D 29 -40.10 9.10 13.46
C GLY D 29 -39.91 10.59 13.24
N ASP D 30 -38.71 11.08 13.55
CA ASP D 30 -38.40 12.49 13.36
C ASP D 30 -37.11 12.67 12.59
N PHE D 31 -36.99 13.78 11.88
CA PHE D 31 -35.75 14.12 11.22
C PHE D 31 -34.80 14.75 12.22
N VAL D 32 -33.62 14.13 12.37
CA VAL D 32 -32.61 14.61 13.31
C VAL D 32 -31.26 14.83 12.64
N ASP D 33 -30.47 15.73 13.20
CA ASP D 33 -29.11 15.96 12.73
C ASP D 33 -28.14 15.03 13.43
N VAL D 34 -27.25 14.42 12.66
CA VAL D 34 -26.32 13.41 13.16
C VAL D 34 -24.89 13.80 12.82
N LYS D 35 -24.05 13.90 13.84
CA LYS D 35 -22.63 14.18 13.63
C LYS D 35 -21.79 13.13 14.36
N LEU D 36 -20.60 12.86 13.84
CA LEU D 36 -19.70 11.91 14.48
C LEU D 36 -19.23 12.40 15.85
N SER D 37 -19.12 13.72 16.00
CA SER D 37 -18.76 14.36 17.28
C SER D 37 -19.78 14.08 18.38
N ASP D 38 -21.02 13.83 17.98
CA ASP D 38 -22.08 13.50 18.93
C ASP D 38 -21.82 12.20 19.69
N TYR D 39 -20.80 11.46 19.29
CA TYR D 39 -20.53 10.13 19.85
C TYR D 39 -19.14 9.96 20.45
N LYS D 40 -18.56 11.04 20.97
CA LYS D 40 -17.26 10.96 21.61
C LYS D 40 -17.41 10.30 22.96
N GLY D 41 -16.42 9.50 23.34
CA GLY D 41 -16.47 8.76 24.61
C GLY D 41 -17.36 7.55 24.54
N LYS D 42 -17.69 7.14 23.31
CA LYS D 42 -18.56 5.99 23.04
C LYS D 42 -18.07 5.26 21.81
N TYR D 43 -18.27 3.94 21.77
CA TYR D 43 -18.02 3.16 20.56
C TYR D 43 -19.16 3.32 19.57
N VAL D 44 -18.80 3.46 18.29
CA VAL D 44 -19.76 3.66 17.20
C VAL D 44 -19.66 2.57 16.12
N VAL D 45 -20.80 1.99 15.78
CA VAL D 45 -20.89 1.06 14.66
C VAL D 45 -21.68 1.71 13.54
N LEU D 46 -20.98 2.07 12.47
CA LEU D 46 -21.61 2.66 11.29
C LEU D 46 -21.68 1.64 10.15
N PHE D 47 -22.89 1.30 9.74
CA PHE D 47 -23.06 0.36 8.64
C PHE D 47 -23.91 0.87 7.49
N PHE D 48 -23.50 0.52 6.27
CA PHE D 48 -24.16 0.98 5.06
C PHE D 48 -25.03 -0.12 4.46
N TYR D 49 -26.07 0.31 3.74
CA TYR D 49 -26.86 -0.60 2.91
C TYR D 49 -27.18 0.07 1.56
N PRO D 50 -27.50 -0.74 0.52
CA PRO D 50 -27.65 -0.18 -0.81
C PRO D 50 -28.89 0.66 -1.07
N LEU D 51 -30.07 0.09 -0.91
CA LEU D 51 -31.29 0.76 -1.33
C LEU D 51 -32.49 0.58 -0.39
N ASP D 52 -33.32 1.62 -0.36
CA ASP D 52 -34.62 1.58 0.31
C ASP D 52 -35.65 0.89 -0.57
N PHE D 53 -36.64 0.27 0.07
CA PHE D 53 -37.74 -0.39 -0.61
C PHE D 53 -37.32 -1.57 -1.50
N THR D 54 -36.27 -2.27 -1.11
CA THR D 54 -35.80 -3.43 -1.88
C THR D 54 -36.70 -4.63 -1.70
N PHE D 55 -36.90 -5.38 -2.79
CA PHE D 55 -37.68 -6.62 -2.75
C PHE D 55 -36.98 -7.70 -1.94
N VAL D 56 -35.66 -7.59 -1.87
CA VAL D 56 -34.81 -8.43 -1.02
C VAL D 56 -35.09 -8.15 0.46
N CYS D 57 -35.16 -9.22 1.23
CA CYS D 57 -35.38 -9.15 2.68
C CYS D 57 -34.47 -8.17 3.40
N PRO D 58 -35.08 -7.17 4.08
CA PRO D 58 -34.30 -6.21 4.87
C PRO D 58 -33.89 -6.74 6.24
N THR D 59 -34.17 -8.03 6.48
CA THR D 59 -33.91 -8.67 7.76
C THR D 59 -32.51 -8.41 8.33
N GLU D 60 -31.56 -8.12 7.45
CA GLU D 60 -30.19 -7.79 7.84
C GLU D 60 -30.09 -6.45 8.58
N ILE D 61 -30.76 -5.44 8.02
CA ILE D 61 -30.81 -4.10 8.60
C ILE D 61 -31.67 -4.11 9.87
N ILE D 62 -32.79 -4.81 9.81
CA ILE D 62 -33.72 -4.92 10.93
C ILE D 62 -33.06 -5.57 12.15
N ALA D 63 -32.21 -6.58 11.89
CA ALA D 63 -31.53 -7.32 12.96
C ALA D 63 -30.71 -6.44 13.90
N PHE D 64 -30.10 -5.38 13.37
CA PHE D 64 -29.33 -4.44 14.17
C PHE D 64 -30.22 -3.55 15.04
N SER D 65 -31.42 -3.26 14.54
CA SER D 65 -32.41 -2.50 15.30
C SER D 65 -33.04 -3.37 16.39
N ASP D 66 -33.41 -4.60 16.03
CA ASP D 66 -34.04 -5.54 16.95
C ASP D 66 -33.15 -5.91 18.12
N ARG D 67 -31.87 -6.08 17.84
CA ARG D 67 -30.91 -6.51 18.85
C ARG D 67 -30.07 -5.33 19.37
N PHE D 68 -30.59 -4.12 19.19
CA PHE D 68 -29.93 -2.91 19.70
C PHE D 68 -29.80 -2.82 21.23
N PRO D 69 -30.80 -3.33 21.98
CA PRO D 69 -30.62 -3.42 23.43
C PRO D 69 -29.33 -4.11 23.87
N GLU D 70 -28.81 -5.01 23.05
CA GLU D 70 -27.54 -5.67 23.34
C GLU D 70 -26.37 -4.70 23.13
N PHE D 71 -26.49 -3.85 22.12
CA PHE D 71 -25.48 -2.83 21.83
C PHE D 71 -25.51 -1.70 22.86
N LYS D 72 -26.71 -1.29 23.25
CA LYS D 72 -26.89 -0.24 24.25
C LYS D 72 -26.36 -0.67 25.61
N ASN D 73 -26.54 -1.96 25.92
CA ASN D 73 -26.01 -2.57 27.14
C ASN D 73 -24.50 -2.48 27.24
N LEU D 74 -23.84 -2.49 26.08
CA LEU D 74 -22.39 -2.36 26.00
C LEU D 74 -21.95 -0.92 25.75
N ASN D 75 -22.90 0.01 25.83
CA ASN D 75 -22.67 1.44 25.56
C ASN D 75 -22.11 1.70 24.16
N VAL D 76 -22.78 1.15 23.16
CA VAL D 76 -22.37 1.25 21.76
C VAL D 76 -23.51 1.81 20.93
N ALA D 77 -23.22 2.84 20.15
CA ALA D 77 -24.20 3.43 19.25
C ALA D 77 -24.15 2.78 17.86
N VAL D 78 -25.32 2.52 17.30
CA VAL D 78 -25.46 1.88 15.99
C VAL D 78 -26.10 2.85 15.01
N LEU D 79 -25.47 3.01 13.85
CA LEU D 79 -25.98 3.89 12.81
C LEU D 79 -26.10 3.18 11.46
N ALA D 80 -27.31 3.24 10.89
CA ALA D 80 -27.58 2.73 9.54
C ALA D 80 -27.50 3.88 8.55
N CYS D 81 -27.07 3.57 7.32
CA CYS D 81 -26.92 4.59 6.29
C CYS D 81 -27.09 4.07 4.86
N SER D 82 -27.64 4.93 4.00
CA SER D 82 -27.72 4.66 2.56
C SER D 82 -27.83 5.98 1.80
N THR D 83 -27.70 5.90 0.47
CA THR D 83 -27.79 7.09 -0.38
C THR D 83 -29.23 7.48 -0.74
N ASP D 84 -30.19 6.93 -0.01
CA ASP D 84 -31.59 7.33 -0.15
C ASP D 84 -31.89 8.55 0.70
N SER D 85 -32.97 9.24 0.37
CA SER D 85 -33.37 10.46 1.08
C SER D 85 -33.92 10.21 2.47
N VAL D 86 -33.90 11.26 3.29
CA VAL D 86 -34.42 11.19 4.64
C VAL D 86 -35.94 11.03 4.63
N PHE D 87 -36.58 11.50 3.56
CA PHE D 87 -38.00 11.28 3.34
C PHE D 87 -38.27 9.82 2.94
N SER D 88 -37.39 9.25 2.13
CA SER D 88 -37.46 7.86 1.68
C SER D 88 -37.30 6.90 2.86
N HIS D 89 -36.40 7.25 3.77
CA HIS D 89 -36.19 6.49 4.99
C HIS D 89 -37.47 6.40 5.82
N LEU D 90 -38.11 7.54 6.04
CA LEU D 90 -39.30 7.64 6.87
C LEU D 90 -40.47 6.84 6.31
N ALA D 91 -40.64 6.90 4.99
CA ALA D 91 -41.71 6.17 4.31
C ALA D 91 -41.56 4.66 4.45
N TRP D 92 -40.33 4.17 4.38
CA TRP D 92 -40.03 2.76 4.54
C TRP D 92 -40.16 2.31 5.99
N ILE D 93 -39.82 3.20 6.91
CA ILE D 93 -40.00 2.97 8.35
C ILE D 93 -41.49 2.91 8.70
N ASN D 94 -42.27 3.79 8.07
CA ASN D 94 -43.72 3.81 8.25
C ASN D 94 -44.45 2.60 7.64
N THR D 95 -43.78 1.89 6.73
CA THR D 95 -44.31 0.66 6.16
C THR D 95 -44.10 -0.49 7.17
N PRO D 96 -45.17 -1.23 7.50
CA PRO D 96 -45.07 -2.39 8.39
C PRO D 96 -44.22 -3.52 7.83
N ARG D 97 -43.70 -4.36 8.72
CA ARG D 97 -42.85 -5.47 8.31
C ARG D 97 -43.61 -6.54 7.52
N LYS D 98 -44.92 -6.57 7.68
CA LYS D 98 -45.82 -7.46 6.92
C LYS D 98 -45.86 -7.14 5.42
N HIS D 99 -45.64 -5.88 5.08
CA HIS D 99 -45.65 -5.42 3.69
C HIS D 99 -44.23 -5.27 3.13
N GLY D 100 -43.25 -5.65 3.93
CA GLY D 100 -41.85 -5.53 3.54
C GLY D 100 -41.29 -4.15 3.83
N GLY D 101 -41.69 -3.58 4.96
CA GLY D 101 -41.10 -2.34 5.45
C GLY D 101 -40.08 -2.60 6.53
N LEU D 102 -39.52 -1.52 7.08
CA LEU D 102 -38.60 -1.63 8.21
C LEU D 102 -39.32 -1.69 9.55
N GLY D 103 -40.49 -1.08 9.61
CA GLY D 103 -41.26 -0.96 10.86
C GLY D 103 -40.60 0.01 11.81
N ASP D 104 -40.77 -0.23 13.10
CA ASP D 104 -40.10 0.57 14.14
C ASP D 104 -38.59 0.34 14.12
N MET D 105 -37.84 1.42 14.00
CA MET D 105 -36.39 1.36 14.05
C MET D 105 -35.89 1.97 15.35
N LYS D 106 -35.14 1.17 16.11
CA LYS D 106 -34.58 1.62 17.37
C LYS D 106 -33.24 2.33 17.19
N ILE D 107 -32.78 2.39 15.95
CA ILE D 107 -31.54 3.09 15.60
C ILE D 107 -31.77 4.18 14.56
N PRO D 108 -30.88 5.19 14.51
CA PRO D 108 -30.98 6.23 13.48
C PRO D 108 -30.65 5.69 12.09
N VAL D 109 -31.41 6.14 11.09
CA VAL D 109 -31.14 5.80 9.70
C VAL D 109 -30.69 7.05 8.94
N LEU D 110 -29.41 7.11 8.64
CA LEU D 110 -28.79 8.28 8.02
C LEU D 110 -29.02 8.37 6.51
N ALA D 111 -29.25 9.59 6.04
CA ALA D 111 -29.45 9.88 4.63
C ALA D 111 -28.21 10.47 3.98
N ASP D 112 -27.61 9.71 3.06
CA ASP D 112 -26.41 10.16 2.36
C ASP D 112 -26.70 10.40 0.87
N THR D 113 -27.72 11.20 0.59
CA THR D 113 -28.04 11.63 -0.79
C THR D 113 -26.90 12.45 -1.36
N ASN D 114 -26.16 13.04 -0.44
CA ASN D 114 -24.91 13.76 -0.67
C ASN D 114 -23.85 12.93 -1.36
N HIS D 115 -23.86 11.62 -1.09
CA HIS D 115 -22.84 10.66 -1.54
C HIS D 115 -21.53 10.85 -0.81
N GLN D 116 -21.49 11.85 0.08
CA GLN D 116 -20.26 12.29 0.71
C GLN D 116 -19.71 11.28 1.72
N ILE D 117 -20.58 10.70 2.53
CA ILE D 117 -20.16 9.76 3.55
C ILE D 117 -19.71 8.43 2.94
N ALA D 118 -20.46 7.98 1.93
CA ALA D 118 -20.12 6.80 1.16
C ALA D 118 -18.76 6.94 0.51
N LYS D 119 -18.52 8.11 -0.09
CA LYS D 119 -17.23 8.44 -0.68
C LYS D 119 -16.10 8.42 0.34
N ASP D 120 -16.34 9.06 1.49
CA ASP D 120 -15.34 9.20 2.53
C ASP D 120 -14.94 7.87 3.15
N TYR D 121 -15.91 6.97 3.27
CA TYR D 121 -15.66 5.62 3.78
C TYR D 121 -15.32 4.64 2.65
N GLY D 122 -15.28 5.15 1.43
CA GLY D 122 -14.90 4.37 0.25
C GLY D 122 -15.76 3.18 -0.03
N VAL D 123 -17.06 3.33 0.20
CA VAL D 123 -18.00 2.24 0.01
C VAL D 123 -18.96 2.50 -1.15
N LEU D 124 -18.71 3.58 -1.89
CA LEU D 124 -19.59 3.99 -2.96
C LEU D 124 -19.36 3.20 -4.25
N LYS D 125 -20.42 2.54 -4.72
CA LYS D 125 -20.45 1.95 -6.05
C LYS D 125 -20.74 3.06 -7.04
N ASP D 126 -19.69 3.57 -7.66
CA ASP D 126 -19.79 4.77 -8.49
C ASP D 126 -20.83 4.72 -9.60
N ASP D 127 -20.84 3.62 -10.36
CA ASP D 127 -21.73 3.47 -11.52
C ASP D 127 -23.22 3.38 -11.18
N GLU D 128 -23.54 3.18 -9.91
CA GLU D 128 -24.92 3.10 -9.46
C GLU D 128 -25.32 4.18 -8.46
N GLY D 129 -24.33 4.79 -7.80
CA GLY D 129 -24.58 5.80 -6.77
C GLY D 129 -25.24 5.23 -5.53
N ILE D 130 -24.83 4.02 -5.17
CA ILE D 130 -25.31 3.33 -3.97
C ILE D 130 -24.12 2.88 -3.15
N ALA D 131 -24.33 2.57 -1.88
CA ALA D 131 -23.26 2.12 -1.01
C ALA D 131 -23.18 0.60 -0.93
N TYR D 132 -21.97 0.08 -0.85
CA TYR D 132 -21.76 -1.35 -0.59
C TYR D 132 -22.11 -1.68 0.86
N ARG D 133 -22.19 -2.96 1.19
CA ARG D 133 -22.54 -3.38 2.55
C ARG D 133 -21.33 -3.28 3.46
N GLY D 134 -20.91 -2.05 3.73
CA GLY D 134 -19.78 -1.76 4.61
C GLY D 134 -20.21 -1.53 6.04
N LEU D 135 -19.34 -1.89 6.97
CA LEU D 135 -19.60 -1.71 8.40
C LEU D 135 -18.31 -1.33 9.11
N PHE D 136 -18.35 -0.23 9.85
CA PHE D 136 -17.17 0.32 10.49
C PHE D 136 -17.33 0.43 12.00
N ILE D 137 -16.23 0.19 12.72
CA ILE D 137 -16.23 0.36 14.18
C ILE D 137 -15.29 1.48 14.61
N ILE D 138 -15.85 2.48 15.28
CA ILE D 138 -15.12 3.67 15.71
C ILE D 138 -15.10 3.77 17.24
N ASP D 139 -13.92 3.97 17.82
CA ASP D 139 -13.76 3.98 19.28
C ASP D 139 -14.15 5.34 19.93
N PRO D 140 -14.15 5.42 21.29
CA PRO D 140 -14.50 6.66 22.00
C PRO D 140 -13.69 7.88 21.60
N LYS D 141 -12.47 7.67 21.14
CA LYS D 141 -11.55 8.75 20.77
C LYS D 141 -11.71 9.21 19.34
N GLY D 142 -12.66 8.62 18.62
CA GLY D 142 -12.90 8.92 17.22
C GLY D 142 -11.87 8.29 16.29
N ILE D 143 -11.28 7.19 16.74
CA ILE D 143 -10.31 6.43 15.96
C ILE D 143 -10.98 5.22 15.30
N LEU D 144 -10.79 5.09 13.99
CA LEU D 144 -11.32 3.95 13.24
C LEU D 144 -10.58 2.69 13.60
N ARG D 145 -11.34 1.65 13.97
CA ARG D 145 -10.75 0.43 14.50
C ARG D 145 -10.96 -0.82 13.62
N GLN D 146 -12.08 -0.86 12.90
CA GLN D 146 -12.42 -2.03 12.10
C GLN D 146 -13.14 -1.66 10.81
N ILE D 147 -12.70 -2.25 9.71
CA ILE D 147 -13.34 -2.10 8.41
C ILE D 147 -13.88 -3.45 7.90
N THR D 148 -15.15 -3.47 7.54
CA THR D 148 -15.77 -4.61 6.89
C THR D 148 -16.55 -4.09 5.71
N ILE D 149 -16.17 -4.52 4.51
CA ILE D 149 -16.92 -4.21 3.28
C ILE D 149 -17.33 -5.51 2.59
N ASN D 150 -18.62 -5.67 2.38
CA ASN D 150 -19.16 -6.83 1.68
C ASN D 150 -19.70 -6.45 0.32
N ASP D 151 -19.54 -7.34 -0.66
CA ASP D 151 -20.23 -7.24 -1.94
C ASP D 151 -21.72 -7.35 -1.71
N LEU D 152 -22.51 -6.81 -2.64
CA LEU D 152 -23.94 -6.62 -2.45
C LEU D 152 -24.77 -7.83 -1.99
N PRO D 153 -24.53 -9.05 -2.54
CA PRO D 153 -25.40 -10.18 -2.19
C PRO D 153 -25.31 -10.73 -0.76
N VAL D 154 -24.21 -10.46 -0.07
CA VAL D 154 -23.97 -11.05 1.25
C VAL D 154 -24.14 -10.03 2.38
N GLY D 155 -25.01 -10.35 3.33
CA GLY D 155 -25.23 -9.51 4.50
C GLY D 155 -24.23 -9.76 5.62
N ARG D 156 -24.37 -9.01 6.71
CA ARG D 156 -23.45 -9.05 7.85
C ARG D 156 -24.09 -9.65 9.10
N SER D 157 -23.26 -10.21 9.97
CA SER D 157 -23.72 -10.85 11.20
C SER D 157 -23.62 -9.91 12.41
N VAL D 158 -24.71 -9.82 13.16
CA VAL D 158 -24.79 -9.02 14.39
C VAL D 158 -23.85 -9.60 15.45
N ASP D 159 -23.85 -10.94 15.57
CA ASP D 159 -23.02 -11.66 16.51
C ASP D 159 -21.55 -11.37 16.34
N GLU D 160 -21.10 -11.33 15.09
CA GLU D 160 -19.71 -11.01 14.77
C GLU D 160 -19.38 -9.56 15.12
N THR D 161 -20.26 -8.64 14.75
CA THR D 161 -20.15 -7.23 15.11
C THR D 161 -20.03 -7.06 16.63
N LEU D 162 -20.84 -7.81 17.37
CA LEU D 162 -20.79 -7.82 18.81
C LEU D 162 -19.50 -8.44 19.33
N ARG D 163 -19.05 -9.52 18.69
CA ARG D 163 -17.79 -10.16 19.04
C ARG D 163 -16.61 -9.22 18.90
N LEU D 164 -16.62 -8.43 17.83
CA LEU D 164 -15.56 -7.46 17.55
C LEU D 164 -15.55 -6.32 18.56
N VAL D 165 -16.70 -5.67 18.74
CA VAL D 165 -16.82 -4.51 19.61
C VAL D 165 -16.44 -4.83 21.08
N GLN D 166 -16.85 -6.01 21.56
CA GLN D 166 -16.49 -6.48 22.89
C GLN D 166 -15.01 -6.77 23.03
N ALA D 167 -14.40 -7.28 21.96
CA ALA D 167 -12.98 -7.57 21.92
C ALA D 167 -12.16 -6.29 21.98
N PHE D 168 -12.62 -5.28 21.26
CA PHE D 168 -11.98 -3.97 21.25
C PHE D 168 -12.05 -3.26 22.60
N GLN D 169 -13.19 -3.38 23.26
CA GLN D 169 -13.40 -2.78 24.58
C GLN D 169 -12.52 -3.43 25.64
N TYR D 170 -12.38 -4.75 25.55
CA TYR D 170 -11.55 -5.51 26.46
C TYR D 170 -10.07 -5.17 26.28
N THR D 171 -9.64 -5.09 25.02
CA THR D 171 -8.25 -4.78 24.70
C THR D 171 -7.89 -3.30 24.94
N ASP D 172 -8.90 -2.46 25.08
CA ASP D 172 -8.69 -1.03 25.37
C ASP D 172 -8.15 -0.77 26.77
N LYS D 173 -8.62 -1.52 27.75
CA LYS D 173 -8.20 -1.36 29.15
C LYS D 173 -7.07 -2.30 29.48
N HIS D 174 -7.26 -3.55 29.10
CA HIS D 174 -6.27 -4.59 29.32
C HIS D 174 -5.28 -4.56 28.15
N GLY D 175 -4.22 -5.34 28.27
CA GLY D 175 -3.43 -5.71 27.11
C GLY D 175 -3.97 -7.02 26.59
N GLU D 176 -3.59 -7.42 25.37
CA GLU D 176 -3.94 -8.75 24.88
C GLU D 176 -3.24 -9.83 25.71
N VAL D 177 -3.91 -10.96 25.92
CA VAL D 177 -3.35 -12.06 26.70
C VAL D 177 -3.58 -13.40 25.98
N CYS D 178 -2.60 -14.30 26.06
CA CYS D 178 -2.75 -15.60 25.42
C CYS D 178 -3.65 -16.56 26.20
N PRO D 179 -3.16 -17.13 27.33
CA PRO D 179 -4.03 -18.11 28.00
C PRO D 179 -5.19 -17.47 28.75
N MET E 9 -18.84 21.81 -16.21
CA MET E 9 -19.59 20.70 -15.58
C MET E 9 -20.84 20.36 -16.40
N SER E 10 -21.63 21.38 -16.72
CA SER E 10 -22.85 21.20 -17.49
C SER E 10 -22.55 20.89 -18.95
N LYS E 11 -23.38 20.05 -19.57
CA LYS E 11 -23.24 19.70 -20.98
C LYS E 11 -24.40 20.20 -21.82
N ALA E 12 -25.37 20.82 -21.16
CA ALA E 12 -26.57 21.31 -21.83
C ALA E 12 -26.41 22.70 -22.43
N PHE E 13 -26.63 22.80 -23.73
CA PHE E 13 -26.55 24.08 -24.45
C PHE E 13 -27.62 24.16 -25.51
N ILE E 14 -28.15 25.37 -25.70
CA ILE E 14 -29.17 25.65 -26.70
C ILE E 14 -28.58 25.60 -28.09
N GLY E 15 -29.20 24.81 -28.97
CA GLY E 15 -28.77 24.67 -30.35
C GLY E 15 -27.74 23.57 -30.55
N LYS E 16 -27.31 22.97 -29.45
CA LYS E 16 -26.35 21.87 -29.48
C LYS E 16 -27.09 20.57 -29.12
N PRO E 17 -26.51 19.41 -29.48
CA PRO E 17 -27.10 18.12 -29.12
C PRO E 17 -27.31 18.00 -27.63
N ALA E 18 -28.52 17.67 -27.22
CA ALA E 18 -28.87 17.49 -25.82
C ALA E 18 -28.05 16.37 -25.18
N PRO E 19 -27.65 16.55 -23.91
CA PRO E 19 -26.86 15.53 -23.23
C PRO E 19 -27.51 14.15 -23.28
N ASP E 20 -26.73 13.16 -23.70
CA ASP E 20 -27.21 11.79 -23.84
C ASP E 20 -27.41 11.16 -22.47
N PHE E 21 -28.48 10.40 -22.32
CA PHE E 21 -28.76 9.69 -21.08
C PHE E 21 -29.29 8.29 -21.33
N ALA E 22 -28.95 7.38 -20.42
CA ALA E 22 -29.51 6.04 -20.41
C ALA E 22 -29.59 5.53 -18.98
N THR E 23 -30.81 5.30 -18.50
CA THR E 23 -31.03 4.82 -17.14
C THR E 23 -32.26 3.92 -17.03
N LYS E 24 -32.42 3.29 -15.87
CA LYS E 24 -33.63 2.53 -15.55
C LYS E 24 -34.75 3.48 -15.14
N ALA E 25 -35.99 3.07 -15.39
CA ALA E 25 -37.17 3.87 -15.06
C ALA E 25 -38.35 2.98 -14.71
N VAL E 26 -39.42 3.60 -14.21
CA VAL E 26 -40.68 2.89 -13.99
C VAL E 26 -41.74 3.43 -14.93
N PHE E 27 -42.28 2.53 -15.76
CA PHE E 27 -43.37 2.84 -16.66
C PHE E 27 -44.37 1.69 -16.65
N ASP E 28 -45.64 2.04 -16.48
CA ASP E 28 -46.74 1.07 -16.39
C ASP E 28 -46.49 -0.01 -15.34
N GLY E 29 -45.73 0.34 -14.31
CA GLY E 29 -45.49 -0.54 -13.16
C GLY E 29 -44.33 -1.50 -13.28
N ASP E 30 -43.55 -1.37 -14.36
CA ASP E 30 -42.41 -2.24 -14.61
C ASP E 30 -41.12 -1.47 -14.78
N PHE E 31 -40.01 -2.12 -14.46
CA PHE E 31 -38.68 -1.54 -14.68
C PHE E 31 -38.28 -1.66 -16.14
N VAL E 32 -38.02 -0.51 -16.77
CA VAL E 32 -37.61 -0.46 -18.16
C VAL E 32 -36.41 0.45 -18.36
N ASP E 33 -35.68 0.21 -19.45
CA ASP E 33 -34.54 1.03 -19.83
C ASP E 33 -34.97 2.19 -20.70
N VAL E 34 -34.44 3.38 -20.40
CA VAL E 34 -34.77 4.58 -21.14
C VAL E 34 -33.48 5.18 -21.68
N LYS E 35 -33.38 5.28 -23.00
CA LYS E 35 -32.28 5.98 -23.66
C LYS E 35 -32.85 7.17 -24.41
N LEU E 36 -32.02 8.18 -24.63
CA LEU E 36 -32.44 9.39 -25.33
C LEU E 36 -32.70 9.11 -26.81
N SER E 37 -31.91 8.20 -27.38
CA SER E 37 -32.02 7.82 -28.77
C SER E 37 -33.35 7.14 -29.10
N ASP E 38 -33.99 6.55 -28.08
CA ASP E 38 -35.31 5.92 -28.22
C ASP E 38 -36.41 6.89 -28.65
N TYR E 39 -36.15 8.20 -28.50
CA TYR E 39 -37.13 9.22 -28.84
C TYR E 39 -36.64 10.11 -29.97
N LYS E 40 -35.98 9.48 -30.93
CA LYS E 40 -35.59 10.11 -32.18
C LYS E 40 -36.84 10.36 -32.99
N GLY E 41 -36.91 11.50 -33.65
CA GLY E 41 -38.07 11.85 -34.46
C GLY E 41 -39.27 12.36 -33.69
N LYS E 42 -39.18 12.33 -32.36
CA LYS E 42 -40.19 12.94 -31.48
C LYS E 42 -39.57 14.10 -30.73
N TYR E 43 -40.40 15.06 -30.35
CA TYR E 43 -40.03 16.07 -29.35
C TYR E 43 -40.05 15.45 -27.97
N VAL E 44 -39.03 15.73 -27.18
CA VAL E 44 -38.90 15.19 -25.83
C VAL E 44 -38.97 16.29 -24.77
N VAL E 45 -39.76 16.06 -23.73
CA VAL E 45 -39.82 16.95 -22.58
C VAL E 45 -39.28 16.21 -21.35
N LEU E 46 -38.08 16.60 -20.93
CA LEU E 46 -37.47 16.02 -19.76
C LEU E 46 -37.51 16.98 -18.58
N PHE E 47 -38.23 16.59 -17.53
CA PHE E 47 -38.31 17.44 -16.35
C PHE E 47 -37.87 16.73 -15.07
N PHE E 48 -37.15 17.48 -14.24
CA PHE E 48 -36.58 16.97 -13.02
C PHE E 48 -37.42 17.36 -11.80
N TYR E 49 -37.36 16.53 -10.76
CA TYR E 49 -37.93 16.89 -9.47
C TYR E 49 -36.99 16.45 -8.35
N PRO E 50 -37.09 17.09 -7.17
CA PRO E 50 -36.10 16.86 -6.12
C PRO E 50 -36.19 15.48 -5.48
N LEU E 51 -37.32 15.19 -4.83
CA LEU E 51 -37.41 14.05 -3.92
C LEU E 51 -38.69 13.22 -4.01
N ASP E 52 -38.54 11.92 -3.82
CA ASP E 52 -39.68 11.03 -3.60
C ASP E 52 -40.13 11.13 -2.16
N PHE E 53 -41.44 11.00 -1.94
CA PHE E 53 -42.06 10.98 -0.61
C PHE E 53 -41.97 12.30 0.17
N THR E 54 -42.16 13.40 -0.54
CA THR E 54 -42.23 14.72 0.09
C THR E 54 -43.58 14.91 0.78
N PHE E 55 -43.59 15.71 1.85
CA PHE E 55 -44.81 16.08 2.56
C PHE E 55 -45.71 16.97 1.70
N VAL E 56 -45.09 17.76 0.84
CA VAL E 56 -45.78 18.50 -0.20
C VAL E 56 -46.36 17.47 -1.18
N CYS E 57 -47.66 17.51 -1.39
CA CYS E 57 -48.31 16.64 -2.37
C CYS E 57 -47.81 16.97 -3.77
N PRO E 58 -47.54 15.94 -4.59
CA PRO E 58 -46.87 16.13 -5.87
C PRO E 58 -47.81 16.50 -7.02
N THR E 59 -48.61 17.54 -6.82
CA THR E 59 -49.64 17.95 -7.78
C THR E 59 -49.08 18.35 -9.15
N GLU E 60 -47.90 18.96 -9.16
CA GLU E 60 -47.28 19.37 -10.42
C GLU E 60 -46.82 18.17 -11.26
N ILE E 61 -46.31 17.14 -10.60
CA ILE E 61 -45.85 15.92 -11.25
C ILE E 61 -47.04 15.12 -11.75
N ILE E 62 -48.09 15.09 -10.93
CA ILE E 62 -49.33 14.40 -11.28
C ILE E 62 -50.00 15.03 -12.50
N ALA E 63 -49.99 16.36 -12.57
CA ALA E 63 -50.61 17.09 -13.68
C ALA E 63 -50.03 16.74 -15.06
N PHE E 64 -48.72 16.53 -15.12
CA PHE E 64 -48.06 16.13 -16.36
C PHE E 64 -48.42 14.71 -16.76
N SER E 65 -48.72 13.88 -15.76
CA SER E 65 -49.17 12.52 -16.01
C SER E 65 -50.61 12.47 -16.49
N ASP E 66 -51.47 13.23 -15.82
CA ASP E 66 -52.89 13.27 -16.16
C ASP E 66 -53.15 13.91 -17.52
N ARG E 67 -52.42 14.98 -17.82
CA ARG E 67 -52.61 15.70 -19.06
C ARG E 67 -51.72 15.18 -20.20
N PHE E 68 -51.18 13.97 -20.04
CA PHE E 68 -50.31 13.37 -21.05
C PHE E 68 -50.96 13.04 -22.41
N PRO E 69 -52.26 12.65 -22.42
CA PRO E 69 -52.98 12.54 -23.70
C PRO E 69 -52.84 13.74 -24.63
N GLU E 70 -52.69 14.94 -24.06
CA GLU E 70 -52.50 16.16 -24.84
C GLU E 70 -51.12 16.19 -25.46
N PHE E 71 -50.13 15.67 -24.74
CA PHE E 71 -48.76 15.59 -25.19
C PHE E 71 -48.60 14.51 -26.24
N LYS E 72 -49.28 13.38 -26.01
CA LYS E 72 -49.31 12.26 -26.97
C LYS E 72 -49.98 12.66 -28.26
N ASN E 73 -51.02 13.48 -28.14
CA ASN E 73 -51.72 14.09 -29.27
C ASN E 73 -50.80 14.89 -30.20
N LEU E 74 -49.74 15.45 -29.62
CA LEU E 74 -48.77 16.24 -30.37
C LEU E 74 -47.51 15.45 -30.71
N ASN E 75 -47.56 14.13 -30.48
CA ASN E 75 -46.44 13.21 -30.68
C ASN E 75 -45.20 13.64 -29.88
N VAL E 76 -45.42 13.89 -28.58
CA VAL E 76 -44.40 14.42 -27.68
C VAL E 76 -44.23 13.52 -26.47
N ALA E 77 -43.00 13.12 -26.20
CA ALA E 77 -42.67 12.25 -25.07
C ALA E 77 -42.38 13.08 -23.82
N VAL E 78 -42.85 12.59 -22.68
CA VAL E 78 -42.69 13.29 -21.41
C VAL E 78 -42.02 12.36 -20.41
N LEU E 79 -40.88 12.79 -19.89
CA LEU E 79 -40.10 11.99 -18.94
C LEU E 79 -39.81 12.73 -17.63
N ALA E 80 -40.20 12.10 -16.51
CA ALA E 80 -39.90 12.61 -15.18
C ALA E 80 -38.65 11.96 -14.62
N CYS E 81 -37.88 12.71 -13.83
CA CYS E 81 -36.62 12.22 -13.31
C CYS E 81 -36.21 12.85 -11.96
N SER E 82 -35.61 12.03 -11.10
CA SER E 82 -35.03 12.48 -9.83
C SER E 82 -33.89 11.55 -9.43
N THR E 83 -33.16 11.94 -8.39
CA THR E 83 -32.00 11.19 -7.91
C THR E 83 -32.38 10.05 -6.95
N ASP E 84 -33.67 9.71 -6.93
CA ASP E 84 -34.16 8.58 -6.16
C ASP E 84 -34.08 7.29 -6.98
N SER E 85 -34.13 6.15 -6.28
CA SER E 85 -34.05 4.84 -6.92
C SER E 85 -35.32 4.45 -7.64
N VAL E 86 -35.20 3.46 -8.52
CA VAL E 86 -36.31 2.89 -9.26
C VAL E 86 -37.27 2.18 -8.31
N PHE E 87 -36.72 1.63 -7.24
CA PHE E 87 -37.48 1.02 -6.16
C PHE E 87 -38.26 2.06 -5.37
N SER E 88 -37.65 3.23 -5.17
CA SER E 88 -38.27 4.34 -4.46
C SER E 88 -39.42 4.91 -5.27
N HIS E 89 -39.24 5.01 -6.58
CA HIS E 89 -40.27 5.49 -7.48
C HIS E 89 -41.50 4.60 -7.43
N LEU E 90 -41.27 3.29 -7.60
CA LEU E 90 -42.34 2.30 -7.68
C LEU E 90 -43.17 2.29 -6.40
N ALA E 91 -42.51 2.47 -5.26
CA ALA E 91 -43.18 2.55 -3.97
C ALA E 91 -44.08 3.77 -3.88
N TRP E 92 -43.62 4.89 -4.42
CA TRP E 92 -44.38 6.14 -4.38
C TRP E 92 -45.53 6.12 -5.38
N ILE E 93 -45.34 5.40 -6.48
CA ILE E 93 -46.38 5.14 -7.47
C ILE E 93 -47.47 4.26 -6.87
N ASN E 94 -47.07 3.25 -6.11
CA ASN E 94 -48.00 2.34 -5.45
C ASN E 94 -48.76 2.97 -4.29
N THR E 95 -48.25 4.09 -3.79
CA THR E 95 -48.93 4.90 -2.76
C THR E 95 -50.06 5.69 -3.40
N PRO E 96 -51.30 5.57 -2.87
CA PRO E 96 -52.46 6.30 -3.38
C PRO E 96 -52.28 7.80 -3.28
N ARG E 97 -52.88 8.53 -4.21
CA ARG E 97 -52.75 9.98 -4.29
C ARG E 97 -53.39 10.71 -3.10
N LYS E 98 -54.39 10.10 -2.51
CA LYS E 98 -55.00 10.63 -1.29
C LYS E 98 -54.08 10.54 -0.08
N HIS E 99 -53.14 9.61 -0.11
CA HIS E 99 -52.13 9.49 0.93
C HIS E 99 -50.80 10.13 0.53
N GLY E 100 -50.87 11.16 -0.32
CA GLY E 100 -49.69 11.92 -0.74
C GLY E 100 -48.73 11.16 -1.63
N GLY E 101 -49.24 10.20 -2.39
CA GLY E 101 -48.44 9.43 -3.34
C GLY E 101 -48.64 9.90 -4.77
N LEU E 102 -48.03 9.20 -5.71
CA LEU E 102 -48.11 9.53 -7.13
C LEU E 102 -49.32 8.91 -7.83
N GLY E 103 -49.71 7.72 -7.37
CA GLY E 103 -50.78 6.95 -8.00
C GLY E 103 -50.33 6.39 -9.33
N ASP E 104 -51.27 6.22 -10.25
CA ASP E 104 -50.96 5.79 -11.61
C ASP E 104 -50.18 6.86 -12.35
N MET E 105 -49.02 6.46 -12.86
CA MET E 105 -48.21 7.32 -13.70
C MET E 105 -48.21 6.84 -15.15
N LYS E 106 -48.65 7.73 -16.03
CA LYS E 106 -48.81 7.44 -17.44
C LYS E 106 -47.58 7.83 -18.25
N ILE E 107 -46.60 8.40 -17.57
CA ILE E 107 -45.28 8.73 -18.12
C ILE E 107 -44.18 7.97 -17.38
N PRO E 108 -43.03 7.73 -18.04
CA PRO E 108 -41.94 7.03 -17.37
C PRO E 108 -41.25 7.90 -16.33
N VAL E 109 -40.90 7.31 -15.19
CA VAL E 109 -40.20 8.04 -14.11
C VAL E 109 -38.79 7.50 -13.93
N LEU E 110 -37.81 8.31 -14.34
CA LEU E 110 -36.41 7.89 -14.43
C LEU E 110 -35.69 7.98 -13.09
N ALA E 111 -34.84 7.00 -12.84
CA ALA E 111 -34.02 6.95 -11.64
C ALA E 111 -32.59 7.40 -11.93
N ASP E 112 -32.19 8.52 -11.33
CA ASP E 112 -30.86 9.09 -11.52
C ASP E 112 -30.00 8.98 -10.27
N THR E 113 -29.92 7.79 -9.70
CA THR E 113 -29.08 7.56 -8.53
C THR E 113 -27.61 7.76 -8.86
N ASN E 114 -27.32 7.72 -10.15
CA ASN E 114 -26.01 8.09 -10.70
C ASN E 114 -25.61 9.53 -10.45
N HIS E 115 -26.60 10.42 -10.40
CA HIS E 115 -26.40 11.88 -10.45
C HIS E 115 -25.92 12.34 -11.82
N GLN E 116 -25.73 11.37 -12.72
CA GLN E 116 -25.11 11.60 -14.03
C GLN E 116 -25.94 12.49 -14.96
N ILE E 117 -27.24 12.24 -14.99
CA ILE E 117 -28.13 12.98 -15.87
C ILE E 117 -28.31 14.41 -15.35
N ALA E 118 -28.45 14.53 -14.02
CA ALA E 118 -28.57 15.83 -13.36
C ALA E 118 -27.32 16.67 -13.55
N LYS E 119 -26.16 16.09 -13.29
CA LYS E 119 -24.88 16.73 -13.57
C LYS E 119 -24.73 17.19 -15.02
N ASP E 120 -25.10 16.32 -15.96
CA ASP E 120 -24.98 16.62 -17.39
C ASP E 120 -25.89 17.76 -17.82
N TYR E 121 -27.07 17.83 -17.22
CA TYR E 121 -28.02 18.91 -17.50
C TYR E 121 -27.82 20.12 -16.58
N GLY E 122 -26.95 19.96 -15.59
CA GLY E 122 -26.59 21.05 -14.68
C GLY E 122 -27.72 21.54 -13.80
N VAL E 123 -28.52 20.60 -13.29
CA VAL E 123 -29.61 20.91 -12.38
C VAL E 123 -29.35 20.35 -10.98
N LEU E 124 -28.15 19.83 -10.76
CA LEU E 124 -27.84 19.18 -9.51
C LEU E 124 -27.47 20.16 -8.41
N LYS E 125 -28.20 20.10 -7.31
CA LYS E 125 -27.82 20.78 -6.08
C LYS E 125 -26.78 19.93 -5.37
N ASP E 126 -25.52 20.26 -5.58
CA ASP E 126 -24.38 19.46 -5.14
C ASP E 126 -24.42 19.10 -3.67
N ASP E 127 -24.69 20.09 -2.82
CA ASP E 127 -24.67 19.93 -1.37
C ASP E 127 -25.77 19.02 -0.83
N GLU E 128 -26.75 18.70 -1.66
CA GLU E 128 -27.86 17.86 -1.24
C GLU E 128 -28.02 16.57 -2.01
N GLY E 129 -27.44 16.51 -3.21
CA GLY E 129 -27.56 15.34 -4.08
C GLY E 129 -28.98 15.16 -4.62
N ILE E 130 -29.61 16.28 -4.92
CA ILE E 130 -30.97 16.31 -5.48
C ILE E 130 -31.02 17.30 -6.63
N ALA E 131 -32.00 17.13 -7.50
CA ALA E 131 -32.11 17.92 -8.70
C ALA E 131 -33.08 19.07 -8.49
N TYR E 132 -32.74 20.24 -9.04
CA TYR E 132 -33.64 21.37 -9.06
C TYR E 132 -34.81 21.11 -10.01
N ARG E 133 -35.85 21.92 -9.91
CA ARG E 133 -37.03 21.74 -10.76
C ARG E 133 -36.77 22.23 -12.19
N GLY E 134 -36.00 21.46 -12.94
CA GLY E 134 -35.63 21.81 -14.30
C GLY E 134 -36.53 21.16 -15.33
N LEU E 135 -36.72 21.82 -16.47
CA LEU E 135 -37.44 21.25 -17.60
C LEU E 135 -36.75 21.56 -18.91
N PHE E 136 -36.58 20.55 -19.75
CA PHE E 136 -35.86 20.68 -21.01
C PHE E 136 -36.66 20.13 -22.19
N ILE E 137 -36.60 20.84 -23.30
CA ILE E 137 -37.28 20.42 -24.52
C ILE E 137 -36.28 20.09 -25.62
N ILE E 138 -36.37 18.87 -26.13
CA ILE E 138 -35.45 18.34 -27.14
C ILE E 138 -36.21 17.98 -28.41
N ASP E 139 -35.70 18.44 -29.55
CA ASP E 139 -36.37 18.25 -30.83
C ASP E 139 -36.20 16.85 -31.45
N PRO E 140 -36.94 16.55 -32.53
CA PRO E 140 -36.84 15.26 -33.21
C PRO E 140 -35.43 14.88 -33.64
N LYS E 141 -34.57 15.87 -33.80
CA LYS E 141 -33.18 15.66 -34.22
C LYS E 141 -32.22 15.61 -33.04
N GLY E 142 -32.76 15.53 -31.83
CA GLY E 142 -31.96 15.41 -30.61
C GLY E 142 -31.22 16.68 -30.20
N ILE E 143 -31.66 17.82 -30.71
CA ILE E 143 -31.08 19.11 -30.37
C ILE E 143 -31.90 19.75 -29.24
N LEU E 144 -31.19 20.27 -28.25
CA LEU E 144 -31.83 21.00 -27.15
C LEU E 144 -32.37 22.34 -27.63
N ARG E 145 -33.61 22.62 -27.27
CA ARG E 145 -34.30 23.81 -27.74
C ARG E 145 -34.70 24.77 -26.63
N GLN E 146 -34.91 24.25 -25.43
CA GLN E 146 -35.41 25.05 -24.33
C GLN E 146 -34.86 24.61 -22.97
N ILE E 147 -34.44 25.59 -22.17
CA ILE E 147 -33.95 25.36 -20.81
C ILE E 147 -34.79 26.11 -19.78
N THR E 148 -35.32 25.38 -18.80
CA THR E 148 -36.08 25.96 -17.70
C THR E 148 -35.61 25.35 -16.39
N ILE E 149 -35.11 26.19 -15.48
CA ILE E 149 -34.72 25.75 -14.15
C ILE E 149 -35.34 26.64 -13.05
N ASN E 150 -36.09 26.01 -12.16
CA ASN E 150 -36.76 26.69 -11.05
C ASN E 150 -36.15 26.31 -9.71
N ASP E 151 -36.07 27.29 -8.81
CA ASP E 151 -35.72 27.02 -7.42
C ASP E 151 -36.78 26.12 -6.79
N LEU E 152 -36.38 25.33 -5.80
CA LEU E 152 -37.22 24.26 -5.23
C LEU E 152 -38.67 24.60 -4.88
N PRO E 153 -38.93 25.78 -4.25
CA PRO E 153 -40.30 26.05 -3.82
C PRO E 153 -41.35 26.24 -4.91
N VAL E 154 -40.95 26.40 -6.18
CA VAL E 154 -41.88 26.73 -7.26
C VAL E 154 -41.92 25.68 -8.37
N GLY E 155 -43.11 25.16 -8.66
CA GLY E 155 -43.32 24.17 -9.71
C GLY E 155 -43.55 24.74 -11.10
N ARG E 156 -43.86 23.87 -12.04
CA ARG E 156 -43.96 24.23 -13.46
C ARG E 156 -45.37 24.06 -14.03
N SER E 157 -45.65 24.81 -15.09
CA SER E 157 -46.96 24.80 -15.73
C SER E 157 -47.02 23.96 -17.02
N VAL E 158 -47.99 23.05 -17.07
CA VAL E 158 -48.24 22.22 -18.25
C VAL E 158 -48.66 23.06 -19.44
N ASP E 159 -49.48 24.08 -19.20
CA ASP E 159 -49.92 25.01 -20.24
C ASP E 159 -48.76 25.71 -20.94
N GLU E 160 -47.77 26.14 -20.17
CA GLU E 160 -46.57 26.77 -20.71
C GLU E 160 -45.75 25.77 -21.53
N THR E 161 -45.59 24.56 -20.99
CA THR E 161 -44.86 23.48 -21.66
C THR E 161 -45.48 23.16 -23.02
N LEU E 162 -46.81 23.09 -23.06
CA LEU E 162 -47.54 22.85 -24.30
C LEU E 162 -47.43 24.02 -25.27
N ARG E 163 -47.50 25.25 -24.74
CA ARG E 163 -47.33 26.45 -25.54
C ARG E 163 -45.94 26.49 -26.19
N LEU E 164 -44.94 26.08 -25.42
CA LEU E 164 -43.56 26.08 -25.87
C LEU E 164 -43.32 25.07 -26.97
N VAL E 165 -43.74 23.83 -26.74
CA VAL E 165 -43.57 22.74 -27.71
C VAL E 165 -44.29 23.04 -29.02
N GLN E 166 -45.53 23.52 -28.91
CA GLN E 166 -46.33 23.89 -30.08
C GLN E 166 -45.73 25.06 -30.85
N ALA E 167 -45.09 25.98 -30.13
CA ALA E 167 -44.40 27.10 -30.76
C ALA E 167 -43.16 26.61 -31.51
N PHE E 168 -42.45 25.67 -30.91
CA PHE E 168 -41.29 25.05 -31.53
C PHE E 168 -41.65 24.19 -32.73
N GLN E 169 -42.75 23.46 -32.62
CA GLN E 169 -43.25 22.61 -33.69
C GLN E 169 -43.71 23.42 -34.89
N TYR E 170 -44.35 24.55 -34.61
CA TYR E 170 -44.81 25.45 -35.65
C TYR E 170 -43.65 26.12 -36.39
N THR E 171 -42.66 26.58 -35.64
CA THR E 171 -41.52 27.30 -36.20
C THR E 171 -40.52 26.39 -36.90
N ASP E 172 -40.57 25.10 -36.60
CA ASP E 172 -39.80 24.09 -37.32
C ASP E 172 -40.28 23.94 -38.75
N LYS E 173 -41.60 24.03 -38.93
CA LYS E 173 -42.18 23.91 -40.26
C LYS E 173 -42.28 25.24 -41.01
N HIS E 174 -42.58 26.33 -40.28
CA HIS E 174 -42.87 27.62 -40.90
C HIS E 174 -41.78 28.67 -40.66
N GLY E 175 -41.45 28.92 -39.39
CA GLY E 175 -40.33 29.78 -39.03
C GLY E 175 -40.64 31.18 -38.56
N GLU E 176 -41.45 31.91 -39.31
CA GLU E 176 -41.74 33.32 -39.02
C GLU E 176 -43.22 33.59 -38.77
N VAL E 177 -43.50 34.69 -38.07
CA VAL E 177 -44.83 34.98 -37.55
C VAL E 177 -45.38 36.35 -37.99
N CYS E 178 -46.67 36.42 -38.22
CA CYS E 178 -47.35 37.67 -38.57
C CYS E 178 -47.61 38.60 -37.38
N PRO E 179 -48.09 38.04 -36.23
CA PRO E 179 -48.04 38.83 -35.00
C PRO E 179 -46.85 38.45 -34.10
#